data_2XMO
#
_entry.id   2XMO
#
_cell.length_a   62.963
_cell.length_b   103.267
_cell.length_c   73.765
_cell.angle_alpha   90.00
_cell.angle_beta   102.80
_cell.angle_gamma   90.00
#
_symmetry.space_group_name_H-M   'P 1 21 1'
#
loop_
_entity.id
_entity.type
_entity.pdbx_description
1 polymer 'LMO2642 PROTEIN'
2 non-polymer 'MANGANESE (II) ION'
3 non-polymer 'FE (III) ION'
4 non-polymer 'CALCIUM ION'
5 non-polymer 'PHOSPHATE ION'
6 water water
#
_entity_poly.entity_id   1
_entity_poly.type   'polypeptide(L)'
_entity_poly.pdbx_seq_one_letter_code
;MIRFFKIVTPILLSISLVACSSASGKTEKITAPIEKDRNLSMVVTTDVHYFAPSLTDNGKAFEKYVAAGDGKQLAYSDEI
TDAFLADVESKKTDVLIISGDLTNNGEKTSHEELAKKLTQVEKNGTQVFVVPGNHDINNPWARKFEKDKQLPTDTISPTD
FSKIYSDFGYEDAISSDEFSLSYLAAPSSKVWLLMLDTAIYKTNMQQGNPTTEGGLTAGTLDWIKESSALAKKNGAKLIP
VLHHNLTDHNDVIQKGYTINYNQQVIDALTEGAMDFSLSGHIHTQNIRSAKSTDGKEITDIVTNALSVFPHKYGNITYSA
KNKNFTYQSQKLDMEAWAKAQGSTDENLLNFDQFDYETFYNSGYDKAMMDLMTDESYDKYNQADKEKMADTMGLNNMYFF
AGTAPPKSDGMALWDSAPNSFLKDYVLSSSNPPKKSNDYYVSP
;
_entity_poly.pdbx_strand_id   A,B
#
loop_
_chem_comp.id
_chem_comp.type
_chem_comp.name
_chem_comp.formula
CA non-polymer 'CALCIUM ION' 'Ca 2'
FE non-polymer 'FE (III) ION' 'Fe 3'
MN non-polymer 'MANGANESE (II) ION' 'Mn 2'
PO4 non-polymer 'PHOSPHATE ION' 'O4 P -3'
#
# COMPACT_ATOMS: atom_id res chain seq x y z
N PRO A 33 -13.83 29.38 23.79
CA PRO A 33 -13.79 28.24 24.74
C PRO A 33 -14.85 28.41 25.82
N ILE A 34 -15.53 27.32 26.14
CA ILE A 34 -16.57 27.30 27.15
C ILE A 34 -15.96 27.04 28.52
N GLU A 35 -15.81 28.11 29.30
CA GLU A 35 -15.22 28.00 30.63
C GLU A 35 -16.17 27.48 31.69
N LYS A 36 -17.47 27.68 31.49
CA LYS A 36 -18.46 27.21 32.45
C LYS A 36 -18.51 25.69 32.49
N ASP A 37 -18.51 25.14 33.70
CA ASP A 37 -18.57 23.70 33.86
C ASP A 37 -20.03 23.33 33.71
N ARG A 38 -20.51 23.35 32.46
CA ARG A 38 -21.89 23.03 32.13
C ARG A 38 -21.97 21.84 31.18
N ASN A 39 -23.17 21.32 30.98
CA ASN A 39 -23.32 20.19 30.06
C ASN A 39 -22.89 20.68 28.68
N LEU A 40 -22.26 19.80 27.92
CA LEU A 40 -21.78 20.13 26.58
C LEU A 40 -22.49 19.30 25.51
N SER A 41 -22.97 19.97 24.47
CA SER A 41 -23.62 19.29 23.36
C SER A 41 -22.63 19.14 22.21
N MET A 42 -22.52 17.93 21.67
CA MET A 42 -21.59 17.67 20.58
C MET A 42 -22.19 16.81 19.49
N VAL A 43 -21.67 16.98 18.28
CA VAL A 43 -22.13 16.19 17.16
C VAL A 43 -20.88 15.75 16.42
N VAL A 44 -20.86 14.48 16.03
CA VAL A 44 -19.73 13.96 15.27
C VAL A 44 -20.24 13.33 14.00
N THR A 45 -19.53 13.61 12.91
CA THR A 45 -19.86 13.03 11.63
C THR A 45 -18.53 12.63 11.03
N THR A 46 -18.57 12.04 9.84
CA THR A 46 -17.37 11.58 9.21
C THR A 46 -17.70 11.19 7.78
N ASP A 47 -16.67 11.07 6.96
CA ASP A 47 -16.85 10.67 5.58
C ASP A 47 -17.96 11.40 4.87
N VAL A 48 -17.89 12.72 4.91
CA VAL A 48 -18.85 13.57 4.24
C VAL A 48 -18.62 13.39 2.74
N HIS A 49 -17.36 13.16 2.37
CA HIS A 49 -16.97 12.97 0.97
C HIS A 49 -17.62 14.04 0.10
N TYR A 50 -17.49 15.29 0.54
CA TYR A 50 -18.06 16.42 -0.16
C TYR A 50 -17.47 16.61 -1.55
N PHE A 51 -18.34 16.93 -2.51
CA PHE A 51 -17.91 17.16 -3.88
C PHE A 51 -18.60 18.44 -4.35
N ALA A 52 -17.80 19.46 -4.62
CA ALA A 52 -18.33 20.75 -5.05
C ALA A 52 -19.12 20.61 -6.35
N PRO A 53 -20.38 21.08 -6.35
CA PRO A 53 -21.22 21.01 -7.54
C PRO A 53 -20.55 21.58 -8.78
N SER A 54 -19.74 22.62 -8.58
CA SER A 54 -19.04 23.27 -9.69
C SER A 54 -18.04 22.35 -10.39
N LEU A 55 -17.75 21.20 -9.80
CA LEU A 55 -16.81 20.27 -10.40
C LEU A 55 -17.48 19.21 -11.29
N THR A 56 -18.79 19.31 -11.47
CA THR A 56 -19.50 18.34 -12.30
C THR A 56 -20.67 18.91 -13.08
N ASP A 57 -20.92 18.35 -14.25
CA ASP A 57 -22.03 18.78 -15.08
C ASP A 57 -23.11 17.71 -15.08
N ASN A 58 -22.93 16.71 -14.23
CA ASN A 58 -23.87 15.60 -14.11
C ASN A 58 -24.05 14.91 -15.46
N GLY A 59 -22.97 14.82 -16.21
CA GLY A 59 -23.01 14.18 -17.51
C GLY A 59 -22.73 12.69 -17.47
N LYS A 60 -22.50 12.11 -18.64
CA LYS A 60 -22.23 10.68 -18.76
C LYS A 60 -21.10 10.23 -17.83
N ALA A 61 -19.96 10.90 -17.93
CA ALA A 61 -18.79 10.57 -17.11
C ALA A 61 -19.14 10.55 -15.62
N PHE A 62 -19.88 11.54 -15.17
CA PHE A 62 -20.25 11.63 -13.76
C PHE A 62 -21.20 10.50 -13.35
N GLU A 63 -22.16 10.19 -14.21
CA GLU A 63 -23.13 9.14 -13.91
C GLU A 63 -22.45 7.79 -13.71
N LYS A 64 -21.51 7.46 -14.59
CA LYS A 64 -20.81 6.19 -14.47
C LYS A 64 -20.00 6.18 -13.18
N TYR A 65 -19.36 7.29 -12.89
CA TYR A 65 -18.56 7.41 -11.67
C TYR A 65 -19.42 7.11 -10.44
N VAL A 66 -20.52 7.85 -10.29
CA VAL A 66 -21.40 7.66 -9.14
C VAL A 66 -21.94 6.23 -9.10
N ALA A 67 -22.13 5.64 -10.27
CA ALA A 67 -22.64 4.27 -10.35
C ALA A 67 -21.66 3.29 -9.73
N ALA A 68 -20.37 3.57 -9.88
CA ALA A 68 -19.33 2.70 -9.32
C ALA A 68 -18.91 3.15 -7.92
N GLY A 69 -19.60 4.15 -7.38
CA GLY A 69 -19.28 4.65 -6.06
C GLY A 69 -19.98 3.87 -4.96
N ASP A 70 -20.31 2.62 -5.29
CA ASP A 70 -20.98 1.70 -4.38
C ASP A 70 -21.87 2.24 -3.27
N GLY A 71 -22.91 2.99 -3.62
CA GLY A 71 -23.83 3.47 -2.61
C GLY A 71 -23.76 4.89 -2.08
N LYS A 72 -22.61 5.55 -2.20
CA LYS A 72 -22.48 6.92 -1.69
C LYS A 72 -23.33 7.89 -2.50
N GLN A 73 -24.09 8.74 -1.81
CA GLN A 73 -24.95 9.71 -2.47
C GLN A 73 -24.14 10.91 -2.97
N LEU A 74 -23.15 10.64 -3.80
CA LEU A 74 -22.29 11.67 -4.35
C LEU A 74 -23.07 12.76 -5.10
N ALA A 75 -24.13 12.36 -5.77
CA ALA A 75 -24.94 13.30 -6.54
C ALA A 75 -25.66 14.31 -5.65
N TYR A 76 -25.78 13.98 -4.36
CA TYR A 76 -26.45 14.87 -3.42
C TYR A 76 -25.58 15.25 -2.23
N SER A 77 -24.26 15.29 -2.41
CA SER A 77 -23.38 15.63 -1.30
C SER A 77 -23.61 17.05 -0.79
N ASP A 78 -23.95 17.97 -1.70
CA ASP A 78 -24.18 19.35 -1.31
C ASP A 78 -25.43 19.47 -0.44
N GLU A 79 -26.53 18.84 -0.86
CA GLU A 79 -27.78 18.90 -0.11
C GLU A 79 -27.70 18.15 1.21
N ILE A 80 -27.05 17.00 1.20
CA ILE A 80 -26.91 16.19 2.41
C ILE A 80 -26.08 17.00 3.42
N THR A 81 -24.97 17.56 2.97
CA THR A 81 -24.12 18.36 3.86
C THR A 81 -24.88 19.55 4.43
N ASP A 82 -25.63 20.27 3.59
CA ASP A 82 -26.39 21.42 4.09
C ASP A 82 -27.44 21.00 5.09
N ALA A 83 -28.14 19.91 4.77
CA ALA A 83 -29.19 19.38 5.64
C ALA A 83 -28.58 19.07 7.00
N PHE A 84 -27.41 18.45 6.97
CA PHE A 84 -26.70 18.08 8.20
C PHE A 84 -26.33 19.30 9.02
N LEU A 85 -25.72 20.30 8.38
CA LEU A 85 -25.32 21.51 9.08
C LEU A 85 -26.50 22.31 9.60
N ALA A 86 -27.63 22.21 8.91
CA ALA A 86 -28.84 22.91 9.36
C ALA A 86 -29.26 22.28 10.69
N ASP A 87 -29.09 20.96 10.80
CA ASP A 87 -29.43 20.24 12.02
C ASP A 87 -28.53 20.70 13.17
N VAL A 88 -27.23 20.77 12.90
CA VAL A 88 -26.26 21.19 13.90
C VAL A 88 -26.67 22.56 14.44
N GLU A 89 -27.06 23.44 13.52
CA GLU A 89 -27.48 24.79 13.87
C GLU A 89 -28.72 24.82 14.75
N SER A 90 -29.75 24.05 14.38
CA SER A 90 -30.98 24.03 15.17
C SER A 90 -30.71 23.48 16.57
N LYS A 91 -29.74 22.57 16.69
CA LYS A 91 -29.40 21.99 17.99
C LYS A 91 -28.58 22.98 18.81
N LYS A 92 -28.05 24.01 18.16
CA LYS A 92 -27.21 24.98 18.84
C LYS A 92 -26.04 24.22 19.47
N THR A 93 -25.48 23.33 18.66
CA THR A 93 -24.38 22.46 19.06
C THR A 93 -23.12 23.22 19.49
N ASP A 94 -22.57 22.81 20.63
CA ASP A 94 -21.35 23.43 21.14
C ASP A 94 -20.15 23.05 20.29
N VAL A 95 -20.00 21.75 20.03
CA VAL A 95 -18.86 21.22 19.27
C VAL A 95 -19.23 20.31 18.11
N LEU A 96 -18.68 20.60 16.92
CA LEU A 96 -18.89 19.78 15.74
C LEU A 96 -17.55 19.13 15.37
N ILE A 97 -17.56 17.80 15.25
CA ILE A 97 -16.36 17.03 14.92
C ILE A 97 -16.54 16.26 13.61
N ILE A 98 -15.52 16.30 12.74
CA ILE A 98 -15.57 15.57 11.49
C ILE A 98 -14.30 14.72 11.40
N SER A 99 -14.44 13.42 11.59
CA SER A 99 -13.31 12.52 11.59
C SER A 99 -12.74 12.03 10.26
N GLY A 100 -12.44 12.95 9.36
CA GLY A 100 -11.83 12.54 8.10
C GLY A 100 -12.71 12.33 6.89
N ASP A 101 -12.05 12.24 5.74
CA ASP A 101 -12.69 12.08 4.44
C ASP A 101 -13.75 13.17 4.25
N LEU A 102 -13.28 14.40 4.36
CA LEU A 102 -14.15 15.56 4.21
C LEU A 102 -14.63 15.67 2.77
N THR A 103 -13.76 15.30 1.84
CA THR A 103 -14.05 15.40 0.41
C THR A 103 -14.07 14.05 -0.31
N ASN A 104 -14.65 14.06 -1.50
CA ASN A 104 -14.74 12.87 -2.34
C ASN A 104 -13.34 12.37 -2.68
N ASN A 105 -12.55 13.21 -3.34
CA ASN A 105 -11.18 12.84 -3.69
C ASN A 105 -10.18 13.98 -3.59
N GLY A 106 -10.24 14.69 -2.47
CA GLY A 106 -9.32 15.78 -2.20
C GLY A 106 -9.25 16.94 -3.17
N GLU A 107 -10.35 17.26 -3.83
CA GLU A 107 -10.36 18.38 -4.78
C GLU A 107 -10.24 19.70 -4.02
N LYS A 108 -9.29 20.53 -4.42
CA LYS A 108 -9.11 21.83 -3.79
C LYS A 108 -10.43 22.61 -3.71
N THR A 109 -11.19 22.59 -4.79
CA THR A 109 -12.46 23.31 -4.85
C THR A 109 -13.47 22.77 -3.84
N SER A 110 -13.51 21.45 -3.68
CA SER A 110 -14.43 20.85 -2.73
C SER A 110 -14.01 21.27 -1.32
N HIS A 111 -12.71 21.27 -1.04
CA HIS A 111 -12.22 21.68 0.26
C HIS A 111 -12.60 23.13 0.56
N GLU A 112 -12.42 24.01 -0.43
CA GLU A 112 -12.73 25.42 -0.26
C GLU A 112 -14.20 25.67 -0.01
N GLU A 113 -15.06 24.98 -0.76
CA GLU A 113 -16.51 25.13 -0.61
C GLU A 113 -16.97 24.60 0.74
N LEU A 114 -16.39 23.48 1.17
CA LEU A 114 -16.76 22.90 2.45
C LEU A 114 -16.32 23.84 3.56
N ALA A 115 -15.13 24.43 3.40
CA ALA A 115 -14.62 25.35 4.39
C ALA A 115 -15.55 26.55 4.52
N LYS A 116 -16.14 26.97 3.40
CA LYS A 116 -17.07 28.10 3.42
C LYS A 116 -18.29 27.78 4.29
N LYS A 117 -18.81 26.57 4.15
CA LYS A 117 -19.98 26.16 4.93
C LYS A 117 -19.65 26.11 6.41
N LEU A 118 -18.47 25.57 6.74
CA LEU A 118 -18.06 25.46 8.14
C LEU A 118 -17.84 26.84 8.74
N THR A 119 -17.43 27.79 7.90
CA THR A 119 -17.22 29.15 8.38
C THR A 119 -18.57 29.71 8.84
N GLN A 120 -19.62 29.40 8.08
CA GLN A 120 -20.95 29.88 8.43
C GLN A 120 -21.46 29.18 9.68
N VAL A 121 -21.13 27.90 9.82
CA VAL A 121 -21.54 27.14 11.01
C VAL A 121 -20.95 27.85 12.22
N GLU A 122 -19.67 28.20 12.16
CA GLU A 122 -19.03 28.87 13.28
C GLU A 122 -19.62 30.24 13.61
N LYS A 123 -20.23 30.90 12.63
CA LYS A 123 -20.84 32.20 12.87
C LYS A 123 -22.02 32.03 13.82
N ASN A 124 -22.53 30.80 13.91
CA ASN A 124 -23.66 30.51 14.79
C ASN A 124 -23.23 30.21 16.23
N GLY A 125 -21.92 30.16 16.46
CA GLY A 125 -21.42 29.88 17.80
C GLY A 125 -20.83 28.50 18.00
N THR A 126 -21.15 27.59 17.07
CA THR A 126 -20.64 26.23 17.13
C THR A 126 -19.16 26.18 16.80
N GLN A 127 -18.39 25.43 17.58
CA GLN A 127 -16.95 25.28 17.34
C GLN A 127 -16.77 24.03 16.50
N VAL A 128 -16.04 24.14 15.40
CA VAL A 128 -15.83 23.01 14.51
C VAL A 128 -14.38 22.51 14.53
N PHE A 129 -14.22 21.19 14.52
CA PHE A 129 -12.90 20.57 14.53
C PHE A 129 -12.85 19.45 13.50
N VAL A 130 -11.83 19.50 12.64
CA VAL A 130 -11.69 18.50 11.59
C VAL A 130 -10.26 17.93 11.52
N VAL A 131 -10.16 16.74 10.93
CA VAL A 131 -8.88 16.07 10.68
C VAL A 131 -9.05 15.43 9.31
N PRO A 132 -7.95 15.17 8.61
CA PRO A 132 -8.11 14.57 7.28
C PRO A 132 -8.36 13.06 7.29
N GLY A 133 -8.81 12.57 6.14
CA GLY A 133 -9.06 11.16 5.94
C GLY A 133 -8.13 10.76 4.79
N ASN A 134 -8.19 9.50 4.34
CA ASN A 134 -7.32 9.06 3.26
C ASN A 134 -7.58 9.67 1.88
N HIS A 135 -8.74 10.29 1.68
CA HIS A 135 -9.07 10.90 0.38
C HIS A 135 -8.84 12.41 0.31
N ASP A 136 -8.44 13.02 1.43
CA ASP A 136 -8.31 14.48 1.46
C ASP A 136 -7.05 15.19 1.01
N ILE A 137 -5.90 14.55 1.15
CA ILE A 137 -4.65 15.23 0.83
C ILE A 137 -3.77 14.55 -0.21
N ASN A 138 -3.11 15.37 -1.04
CA ASN A 138 -2.23 14.87 -2.09
C ASN A 138 -2.93 13.78 -2.88
N ASN A 139 -4.17 14.04 -3.27
CA ASN A 139 -4.94 13.03 -3.99
C ASN A 139 -4.79 13.09 -5.50
N PRO A 140 -4.08 12.11 -6.08
CA PRO A 140 -3.86 12.04 -7.52
C PRO A 140 -5.13 11.67 -8.28
N TRP A 141 -6.19 11.33 -7.56
CA TRP A 141 -7.45 10.98 -8.20
C TRP A 141 -8.41 12.16 -8.32
N ALA A 142 -7.99 13.32 -7.85
CA ALA A 142 -8.83 14.54 -7.93
C ALA A 142 -9.26 14.74 -9.38
N ARG A 143 -10.58 14.81 -9.60
CA ARG A 143 -11.11 14.98 -10.95
C ARG A 143 -12.39 15.81 -10.98
N LYS A 144 -12.63 16.43 -12.13
CA LYS A 144 -13.84 17.21 -12.37
C LYS A 144 -14.48 16.49 -13.56
N PHE A 145 -15.80 16.60 -13.70
CA PHE A 145 -16.49 15.90 -14.78
C PHE A 145 -17.14 16.80 -15.82
N GLU A 146 -16.84 16.55 -17.08
CA GLU A 146 -17.40 17.30 -18.21
C GLU A 146 -17.76 16.31 -19.30
N LYS A 147 -19.06 16.05 -19.45
CA LYS A 147 -19.56 15.12 -20.45
C LYS A 147 -19.10 13.70 -20.22
N ASP A 148 -18.44 13.12 -21.22
CA ASP A 148 -17.94 11.75 -21.17
C ASP A 148 -16.45 11.72 -20.76
N LYS A 149 -15.97 12.82 -20.22
CA LYS A 149 -14.57 12.90 -19.80
C LYS A 149 -14.34 13.35 -18.37
N GLN A 150 -13.38 12.71 -17.73
CA GLN A 150 -12.98 13.08 -16.38
C GLN A 150 -11.74 13.92 -16.62
N LEU A 151 -11.75 15.15 -16.11
CA LEU A 151 -10.60 16.03 -16.30
C LEU A 151 -9.88 16.31 -15.00
N PRO A 152 -8.60 16.68 -15.08
CA PRO A 152 -7.83 16.97 -13.87
C PRO A 152 -8.31 18.23 -13.16
N THR A 153 -8.17 18.22 -11.85
CA THR A 153 -8.53 19.38 -11.05
C THR A 153 -7.55 19.35 -9.88
N ASP A 154 -7.18 20.51 -9.37
CA ASP A 154 -6.21 20.61 -8.28
C ASP A 154 -6.59 19.92 -6.99
N THR A 155 -5.59 19.34 -6.31
CA THR A 155 -5.80 18.72 -5.02
C THR A 155 -5.09 19.68 -4.07
N ILE A 156 -4.84 19.27 -2.83
CA ILE A 156 -4.17 20.14 -1.88
C ILE A 156 -3.04 19.42 -1.17
N SER A 157 -2.12 20.21 -0.61
CA SER A 157 -0.98 19.68 0.13
C SER A 157 -1.37 19.67 1.60
N PRO A 158 -0.55 19.04 2.46
CA PRO A 158 -0.83 18.98 3.90
C PRO A 158 -0.97 20.36 4.53
N THR A 159 -0.03 21.26 4.25
CA THR A 159 -0.12 22.59 4.83
C THR A 159 -1.31 23.35 4.26
N ASP A 160 -1.75 22.97 3.07
CA ASP A 160 -2.93 23.60 2.45
C ASP A 160 -4.13 23.25 3.34
N PHE A 161 -4.15 22.01 3.81
CA PHE A 161 -5.25 21.54 4.65
C PHE A 161 -5.33 22.36 5.94
N SER A 162 -4.21 22.53 6.62
CA SER A 162 -4.21 23.28 7.87
C SER A 162 -4.50 24.76 7.63
N LYS A 163 -4.31 25.20 6.40
CA LYS A 163 -4.57 26.60 6.05
C LYS A 163 -6.05 26.75 5.72
N ILE A 164 -6.56 25.91 4.82
CA ILE A 164 -7.97 25.99 4.43
C ILE A 164 -8.90 25.81 5.63
N TYR A 165 -8.53 24.90 6.53
CA TYR A 165 -9.34 24.63 7.71
C TYR A 165 -8.71 25.23 8.97
N SER A 166 -7.94 26.31 8.82
CA SER A 166 -7.28 26.92 9.97
C SER A 166 -8.25 27.28 11.10
N ASP A 167 -9.42 27.79 10.73
CA ASP A 167 -10.41 28.16 11.72
C ASP A 167 -11.02 26.95 12.42
N PHE A 168 -10.85 25.77 11.86
CA PHE A 168 -11.51 24.64 12.49
C PHE A 168 -10.63 23.66 13.24
N GLY A 169 -9.90 24.21 14.21
CA GLY A 169 -9.03 23.42 15.06
C GLY A 169 -7.55 23.78 15.06
N TYR A 170 -6.99 23.96 13.88
CA TYR A 170 -5.57 24.25 13.73
C TYR A 170 -5.01 25.53 14.33
N GLU A 171 -5.52 26.69 13.89
CA GLU A 171 -5.02 27.96 14.39
C GLU A 171 -5.02 28.07 15.92
N ASP A 172 -6.12 27.67 16.55
CA ASP A 172 -6.23 27.78 18.00
C ASP A 172 -5.81 26.55 18.82
N ALA A 173 -5.22 25.57 18.17
CA ALA A 173 -4.78 24.35 18.85
C ALA A 173 -3.88 24.66 20.04
N ILE A 174 -4.01 23.86 21.09
CA ILE A 174 -3.20 24.02 22.30
C ILE A 174 -1.81 23.46 22.00
N SER A 175 -1.77 22.42 21.16
CA SER A 175 -0.53 21.77 20.79
C SER A 175 -0.74 21.09 19.44
N SER A 176 0.31 21.05 18.62
CA SER A 176 0.22 20.43 17.31
C SER A 176 1.36 19.44 17.10
N ASP A 177 1.05 18.28 16.53
CA ASP A 177 2.06 17.26 16.25
C ASP A 177 2.98 17.82 15.18
N GLU A 178 4.26 17.47 15.27
CA GLU A 178 5.25 17.98 14.32
C GLU A 178 5.11 17.53 12.87
N PHE A 179 4.96 16.23 12.64
CA PHE A 179 4.88 15.72 11.28
C PHE A 179 3.54 15.25 10.76
N SER A 180 2.49 15.35 11.57
CA SER A 180 1.16 14.97 11.11
C SER A 180 0.23 16.16 11.31
N LEU A 181 -0.96 16.08 10.77
CA LEU A 181 -1.91 17.17 10.94
C LEU A 181 -2.75 16.95 12.21
N SER A 182 -2.14 16.28 13.19
CA SER A 182 -2.80 16.00 14.48
C SER A 182 -2.64 17.21 15.39
N TYR A 183 -3.60 17.42 16.28
CA TYR A 183 -3.53 18.52 17.21
C TYR A 183 -4.41 18.30 18.42
N LEU A 184 -4.14 19.09 19.46
CA LEU A 184 -4.87 19.03 20.70
C LEU A 184 -5.71 20.31 20.80
N ALA A 185 -7.01 20.15 20.98
CA ALA A 185 -7.90 21.30 21.05
C ALA A 185 -8.66 21.36 22.36
N ALA A 186 -8.97 22.57 22.79
CA ALA A 186 -9.70 22.79 24.04
C ALA A 186 -10.96 23.61 23.83
N PRO A 187 -12.05 22.98 23.37
CA PRO A 187 -13.32 23.67 23.14
C PRO A 187 -14.01 24.08 24.45
N SER A 188 -13.58 23.48 25.56
CA SER A 188 -14.15 23.79 26.86
C SER A 188 -13.10 23.53 27.93
N SER A 189 -13.40 23.90 29.17
CA SER A 189 -12.44 23.69 30.25
C SER A 189 -12.42 22.25 30.74
N LYS A 190 -13.55 21.55 30.62
CA LYS A 190 -13.63 20.17 31.10
C LYS A 190 -13.46 19.09 30.04
N VAL A 191 -13.63 19.42 28.77
CA VAL A 191 -13.47 18.42 27.72
C VAL A 191 -12.60 18.94 26.60
N TRP A 192 -11.54 18.18 26.31
CA TRP A 192 -10.59 18.51 25.26
C TRP A 192 -10.66 17.44 24.17
N LEU A 193 -10.15 17.77 22.99
CA LEU A 193 -10.16 16.85 21.87
C LEU A 193 -8.75 16.54 21.39
N LEU A 194 -8.47 15.26 21.18
CA LEU A 194 -7.18 14.83 20.65
C LEU A 194 -7.53 14.49 19.20
N MET A 195 -7.40 15.49 18.33
CA MET A 195 -7.72 15.34 16.91
C MET A 195 -6.55 14.73 16.17
N LEU A 196 -6.66 13.44 15.87
CA LEU A 196 -5.60 12.72 15.21
C LEU A 196 -5.71 12.57 13.69
N ASP A 197 -4.58 12.77 13.02
CA ASP A 197 -4.47 12.61 11.57
C ASP A 197 -3.78 11.28 11.38
N THR A 198 -4.55 10.26 11.02
CA THR A 198 -4.00 8.91 10.82
C THR A 198 -3.82 8.62 9.33
N ALA A 199 -4.09 9.62 8.51
CA ALA A 199 -3.98 9.46 7.06
C ALA A 199 -2.53 9.41 6.58
N ILE A 200 -2.31 8.60 5.56
CA ILE A 200 -0.99 8.45 4.95
C ILE A 200 -1.11 9.03 3.54
N TYR A 201 -0.39 10.12 3.30
CA TYR A 201 -0.47 10.80 2.02
C TYR A 201 0.82 11.33 1.41
N LYS A 202 1.92 11.27 2.16
CA LYS A 202 3.19 11.79 1.66
C LYS A 202 3.81 11.08 0.44
N THR A 203 3.28 9.92 0.07
CA THR A 203 3.79 9.22 -1.11
C THR A 203 2.69 9.02 -2.14
N ASN A 204 1.56 9.70 -1.96
CA ASN A 204 0.44 9.57 -2.88
C ASN A 204 0.75 9.92 -4.34
N MET A 205 1.40 11.06 -4.58
CA MET A 205 1.71 11.46 -5.94
C MET A 205 2.66 10.51 -6.64
N GLN A 206 3.55 9.89 -5.86
CA GLN A 206 4.51 8.95 -6.41
C GLN A 206 3.83 7.61 -6.72
N GLN A 207 2.86 7.24 -5.89
CA GLN A 207 2.10 6.00 -6.07
C GLN A 207 1.07 6.10 -7.18
N GLY A 208 0.52 7.30 -7.36
CA GLY A 208 -0.50 7.48 -8.37
C GLY A 208 -1.88 7.20 -7.79
N ASN A 209 -1.90 6.74 -6.54
CA ASN A 209 -3.15 6.43 -5.85
C ASN A 209 -3.05 6.94 -4.41
N PRO A 210 -4.19 7.30 -3.80
CA PRO A 210 -4.15 7.78 -2.41
C PRO A 210 -4.11 6.56 -1.49
N THR A 211 -3.14 6.51 -0.58
CA THR A 211 -3.00 5.40 0.33
C THR A 211 -4.26 5.21 1.18
N THR A 212 -4.77 3.98 1.23
CA THR A 212 -5.98 3.68 1.99
C THR A 212 -5.68 3.48 3.47
N GLU A 213 -4.71 2.62 3.78
CA GLU A 213 -4.34 2.31 5.16
C GLU A 213 -3.90 3.53 5.97
N GLY A 214 -3.93 3.38 7.29
CA GLY A 214 -3.54 4.46 8.17
C GLY A 214 -2.50 4.03 9.18
N GLY A 215 -1.89 5.00 9.85
CA GLY A 215 -0.88 4.68 10.84
C GLY A 215 -0.32 5.90 11.54
N LEU A 216 0.36 5.68 12.67
CA LEU A 216 0.97 6.75 13.44
C LEU A 216 2.42 6.42 13.75
N THR A 217 3.31 7.39 13.55
CA THR A 217 4.73 7.19 13.82
C THR A 217 4.97 7.21 15.33
N ALA A 218 6.13 6.72 15.74
CA ALA A 218 6.49 6.71 17.15
C ALA A 218 6.46 8.14 17.68
N GLY A 219 6.88 9.09 16.85
CA GLY A 219 6.90 10.49 17.24
C GLY A 219 5.52 11.05 17.54
N THR A 220 4.54 10.66 16.74
CA THR A 220 3.18 11.12 16.96
C THR A 220 2.63 10.43 18.21
N LEU A 221 3.02 9.18 18.43
CA LEU A 221 2.58 8.45 19.61
C LEU A 221 3.16 9.10 20.86
N ASP A 222 4.40 9.59 20.78
CA ASP A 222 4.99 10.26 21.93
C ASP A 222 4.26 11.57 22.19
N TRP A 223 3.89 12.26 21.12
CA TRP A 223 3.16 13.51 21.23
C TRP A 223 1.79 13.28 21.87
N ILE A 224 1.18 12.13 21.56
CA ILE A 224 -0.10 11.79 22.13
C ILE A 224 0.02 11.68 23.65
N LYS A 225 1.10 11.05 24.10
CA LYS A 225 1.32 10.87 25.53
C LYS A 225 1.52 12.23 26.20
N GLU A 226 2.29 13.10 25.57
CA GLU A 226 2.53 14.42 26.13
C GLU A 226 1.21 15.20 26.19
N SER A 227 0.39 15.04 25.15
CA SER A 227 -0.89 15.72 25.08
C SER A 227 -1.85 15.22 26.15
N SER A 228 -1.84 13.92 26.39
CA SER A 228 -2.69 13.33 27.40
C SER A 228 -2.29 13.83 28.78
N ALA A 229 -0.99 14.01 29.00
CA ALA A 229 -0.50 14.51 30.27
C ALA A 229 -0.94 15.95 30.48
N LEU A 230 -0.99 16.72 29.39
CA LEU A 230 -1.39 18.11 29.48
C LEU A 230 -2.88 18.24 29.80
N ALA A 231 -3.68 17.35 29.23
CA ALA A 231 -5.12 17.38 29.50
C ALA A 231 -5.33 17.06 30.98
N LYS A 232 -4.62 16.04 31.46
CA LYS A 232 -4.73 15.64 32.85
C LYS A 232 -4.33 16.76 33.80
N LYS A 233 -3.22 17.44 33.48
CA LYS A 233 -2.76 18.55 34.31
C LYS A 233 -3.85 19.63 34.38
N ASN A 234 -4.53 19.83 33.26
CA ASN A 234 -5.58 20.83 33.22
C ASN A 234 -6.95 20.35 33.68
N GLY A 235 -7.01 19.15 34.24
CA GLY A 235 -8.27 18.60 34.73
C GLY A 235 -9.33 18.38 33.66
N ALA A 236 -8.90 18.12 32.44
CA ALA A 236 -9.84 17.91 31.35
C ALA A 236 -9.89 16.47 30.86
N LYS A 237 -11.07 16.03 30.46
CA LYS A 237 -11.22 14.70 29.92
C LYS A 237 -10.81 14.85 28.46
N LEU A 238 -10.45 13.75 27.81
CA LEU A 238 -9.96 13.84 26.44
C LEU A 238 -10.68 12.88 25.49
N ILE A 239 -11.12 13.40 24.35
CA ILE A 239 -11.79 12.56 23.36
C ILE A 239 -10.85 12.40 22.16
N PRO A 240 -10.38 11.18 21.91
CA PRO A 240 -9.49 10.94 20.77
C PRO A 240 -10.35 10.73 19.53
N VAL A 241 -10.00 11.42 18.46
CA VAL A 241 -10.75 11.35 17.21
C VAL A 241 -9.77 10.99 16.10
N LEU A 242 -10.12 10.00 15.29
CA LEU A 242 -9.25 9.58 14.20
C LEU A 242 -10.07 9.03 13.04
N HIS A 243 -9.51 9.07 11.84
CA HIS A 243 -10.24 8.56 10.71
C HIS A 243 -10.23 7.04 10.73
N HIS A 244 -9.04 6.45 10.83
CA HIS A 244 -8.92 4.99 10.85
C HIS A 244 -9.37 4.43 12.19
N ASN A 245 -9.77 3.16 12.18
CA ASN A 245 -10.28 2.53 13.39
C ASN A 245 -9.23 2.01 14.37
N LEU A 246 -9.62 2.01 15.64
CA LEU A 246 -8.76 1.57 16.73
C LEU A 246 -8.74 0.05 16.79
N THR A 247 -9.84 -0.56 16.36
CA THR A 247 -9.96 -2.02 16.37
C THR A 247 -10.90 -2.47 15.25
N ASP A 248 -10.91 -3.77 14.95
CA ASP A 248 -11.77 -4.31 13.88
C ASP A 248 -13.24 -4.13 14.17
N HIS A 249 -14.02 -3.89 13.13
CA HIS A 249 -15.46 -3.69 13.29
C HIS A 249 -16.27 -4.70 12.49
N ASN A 250 -15.58 -5.68 11.91
CA ASN A 250 -16.21 -6.72 11.13
C ASN A 250 -15.25 -7.89 11.07
N ASP A 251 -15.76 -9.09 11.29
CA ASP A 251 -14.92 -10.29 11.26
C ASP A 251 -14.43 -10.57 9.84
N VAL A 252 -14.72 -9.65 8.92
CA VAL A 252 -14.30 -9.80 7.53
C VAL A 252 -13.85 -8.44 6.98
N LYS A 255 -8.15 -5.39 4.89
CA LYS A 255 -7.14 -4.65 5.63
C LYS A 255 -7.12 -3.20 5.17
N GLY A 256 -6.50 -2.32 5.96
CA GLY A 256 -6.43 -0.92 5.60
C GLY A 256 -7.49 -0.06 6.24
N TYR A 257 -8.35 -0.67 7.04
CA TYR A 257 -9.40 0.09 7.72
C TYR A 257 -9.06 0.25 9.19
N THR A 258 -8.75 -0.84 9.88
CA THR A 258 -8.32 -0.70 11.25
C THR A 258 -6.93 -0.10 11.06
N ILE A 259 -6.55 0.87 11.89
CA ILE A 259 -5.23 1.47 11.73
C ILE A 259 -4.10 0.43 11.85
N ASN A 260 -3.03 0.62 11.09
CA ASN A 260 -1.90 -0.30 11.15
C ASN A 260 -1.34 -0.37 12.58
N TYR A 261 -0.88 -1.55 12.99
CA TYR A 261 -0.30 -1.75 14.31
C TYR A 261 -1.13 -1.03 15.36
N ASN A 262 -2.43 -1.32 15.33
CA ASN A 262 -3.39 -0.71 16.23
C ASN A 262 -3.16 -0.94 17.71
N GLN A 263 -2.55 -2.06 18.10
CA GLN A 263 -2.35 -2.32 19.52
C GLN A 263 -1.54 -1.21 20.19
N GLN A 264 -0.53 -0.69 19.50
CA GLN A 264 0.28 0.37 20.06
C GLN A 264 -0.55 1.64 20.27
N VAL A 265 -1.51 1.87 19.38
CA VAL A 265 -2.37 3.04 19.49
C VAL A 265 -3.32 2.84 20.66
N ILE A 266 -3.90 1.64 20.75
CA ILE A 266 -4.82 1.33 21.85
C ILE A 266 -4.10 1.54 23.19
N ASP A 267 -2.90 0.99 23.32
CA ASP A 267 -2.16 1.14 24.57
C ASP A 267 -1.87 2.60 24.91
N ALA A 268 -1.55 3.40 23.89
CA ALA A 268 -1.26 4.81 24.11
C ALA A 268 -2.49 5.57 24.60
N LEU A 269 -3.65 5.28 24.02
CA LEU A 269 -4.88 5.96 24.41
C LEU A 269 -5.39 5.52 25.79
N THR A 270 -5.33 4.22 26.08
CA THR A 270 -5.79 3.75 27.38
C THR A 270 -4.88 4.26 28.49
N GLU A 271 -3.60 4.46 28.16
CA GLU A 271 -2.64 4.97 29.13
C GLU A 271 -3.04 6.39 29.46
N GLY A 272 -3.73 7.03 28.52
CA GLY A 272 -4.18 8.40 28.71
C GLY A 272 -5.54 8.46 29.40
N ALA A 273 -6.04 7.32 29.84
CA ALA A 273 -7.32 7.25 30.53
C ALA A 273 -8.52 7.57 29.65
N MET A 274 -8.40 7.36 28.35
CA MET A 274 -9.52 7.64 27.46
C MET A 274 -10.39 6.39 27.32
N ASP A 275 -11.66 6.50 27.70
CA ASP A 275 -12.61 5.38 27.65
C ASP A 275 -13.18 5.04 26.27
N PHE A 276 -13.22 6.02 25.37
CA PHE A 276 -13.78 5.78 24.04
C PHE A 276 -13.11 6.65 22.99
N SER A 277 -13.23 6.22 21.75
CA SER A 277 -12.68 6.97 20.62
C SER A 277 -13.77 7.11 19.56
N LEU A 278 -13.61 8.10 18.70
CA LEU A 278 -14.56 8.35 17.62
C LEU A 278 -13.77 8.19 16.32
N SER A 279 -14.19 7.25 15.48
CA SER A 279 -13.50 7.04 14.20
C SER A 279 -14.51 6.82 13.08
N GLY A 280 -14.03 6.72 11.84
CA GLY A 280 -14.91 6.52 10.71
C GLY A 280 -14.25 5.58 9.73
N HIS A 281 -14.08 6.01 8.48
CA HIS A 281 -13.39 5.24 7.46
C HIS A 281 -14.11 3.99 6.93
N ILE A 282 -14.63 3.13 7.81
CA ILE A 282 -15.33 1.95 7.30
C ILE A 282 -16.78 2.24 6.90
N HIS A 283 -17.24 3.45 7.23
CA HIS A 283 -18.58 3.91 6.87
C HIS A 283 -19.78 3.28 7.58
N THR A 284 -19.57 2.18 8.30
CA THR A 284 -20.67 1.50 8.99
C THR A 284 -20.88 1.97 10.43
N GLN A 285 -22.15 2.19 10.81
CA GLN A 285 -22.48 2.59 12.18
C GLN A 285 -22.08 1.35 12.96
N ASN A 286 -21.03 1.45 13.77
CA ASN A 286 -20.55 0.27 14.47
C ASN A 286 -19.73 0.59 15.71
N ILE A 287 -20.07 -0.05 16.83
CA ILE A 287 -19.36 0.16 18.08
C ILE A 287 -18.70 -1.15 18.53
N ARG A 288 -17.41 -1.08 18.85
CA ARG A 288 -16.68 -2.26 19.31
C ARG A 288 -15.68 -1.83 20.36
N SER A 289 -15.39 -2.71 21.32
CA SER A 289 -14.44 -2.42 22.37
C SER A 289 -13.15 -3.21 22.15
N ALA A 290 -12.06 -2.68 22.67
CA ALA A 290 -10.77 -3.34 22.55
C ALA A 290 -10.05 -3.24 23.88
N LYS A 291 -9.07 -4.11 24.10
CA LYS A 291 -8.31 -4.11 25.34
C LYS A 291 -6.86 -3.75 25.11
N SER A 292 -6.29 -2.99 26.03
CA SER A 292 -4.89 -2.61 25.95
C SER A 292 -4.09 -3.83 26.40
N THR A 293 -2.78 -3.78 26.21
CA THR A 293 -1.92 -4.88 26.62
C THR A 293 -2.06 -5.15 28.11
N ASP A 294 -2.23 -4.11 28.91
CA ASP A 294 -2.37 -4.29 30.36
C ASP A 294 -3.80 -4.49 30.83
N GLY A 295 -4.72 -4.72 29.91
CA GLY A 295 -6.09 -4.98 30.29
C GLY A 295 -7.13 -3.88 30.35
N LYS A 296 -6.77 -2.64 30.03
CA LYS A 296 -7.75 -1.56 30.07
C LYS A 296 -8.59 -1.55 28.80
N GLU A 297 -9.88 -1.23 28.94
CA GLU A 297 -10.78 -1.23 27.79
C GLU A 297 -11.05 0.15 27.22
N ILE A 298 -11.18 0.20 25.90
CA ILE A 298 -11.50 1.45 25.20
C ILE A 298 -12.51 1.10 24.12
N THR A 299 -13.57 1.90 24.02
CA THR A 299 -14.63 1.66 23.06
C THR A 299 -14.49 2.53 21.81
N ASP A 300 -14.35 1.88 20.66
CA ASP A 300 -14.20 2.58 19.39
C ASP A 300 -15.57 2.76 18.74
N ILE A 301 -16.03 4.00 18.71
CA ILE A 301 -17.34 4.32 18.15
C ILE A 301 -17.23 4.81 16.71
N VAL A 302 -17.69 3.99 15.78
CA VAL A 302 -17.66 4.39 14.38
C VAL A 302 -19.03 4.89 13.98
N THR A 303 -19.08 6.17 13.61
CA THR A 303 -20.33 6.78 13.17
C THR A 303 -20.47 6.53 11.67
N ASN A 304 -21.72 6.30 11.25
CA ASN A 304 -22.07 6.04 9.87
C ASN A 304 -21.52 7.17 8.97
N ALA A 305 -21.04 6.81 7.78
CA ALA A 305 -20.55 7.84 6.85
C ALA A 305 -21.75 8.73 6.55
N LEU A 306 -21.55 10.04 6.57
CA LEU A 306 -22.65 10.95 6.32
C LEU A 306 -23.19 10.78 4.90
N SER A 307 -22.31 10.40 3.98
CA SER A 307 -22.67 10.22 2.58
C SER A 307 -23.33 8.88 2.23
N VAL A 308 -23.44 7.98 3.20
CA VAL A 308 -24.03 6.68 2.92
C VAL A 308 -25.21 6.28 3.81
N PHE A 309 -26.10 5.47 3.25
CA PHE A 309 -27.26 4.95 3.97
C PHE A 309 -26.82 4.40 5.32
N PRO A 310 -27.59 4.65 6.39
CA PRO A 310 -28.86 5.40 6.48
C PRO A 310 -28.66 6.89 6.76
N HIS A 311 -27.41 7.33 6.64
CA HIS A 311 -27.04 8.73 6.87
C HIS A 311 -27.25 9.18 8.31
N LYS A 312 -26.73 8.40 9.25
CA LYS A 312 -26.82 8.74 10.65
C LYS A 312 -25.59 9.57 11.01
N TYR A 313 -25.70 10.33 12.09
CA TYR A 313 -24.57 11.09 12.61
C TYR A 313 -24.64 10.84 14.11
N GLY A 314 -23.61 11.24 14.84
CA GLY A 314 -23.61 11.00 16.27
C GLY A 314 -23.78 12.19 17.18
N ASN A 315 -24.62 12.02 18.20
CA ASN A 315 -24.84 13.04 19.20
C ASN A 315 -24.02 12.61 20.42
N ILE A 316 -23.29 13.54 21.02
CA ILE A 316 -22.52 13.22 22.21
C ILE A 316 -22.81 14.31 23.22
N THR A 317 -23.27 13.89 24.40
CA THR A 317 -23.59 14.84 25.45
C THR A 317 -22.72 14.62 26.67
N TYR A 318 -22.03 15.67 27.09
CA TYR A 318 -21.18 15.57 28.27
C TYR A 318 -21.96 16.09 29.47
N SER A 319 -22.03 15.28 30.53
CA SER A 319 -22.72 15.67 31.75
C SER A 319 -21.70 16.27 32.72
N ALA A 320 -21.86 17.55 33.04
CA ALA A 320 -20.95 18.20 33.96
C ALA A 320 -21.05 17.58 35.34
N LYS A 321 -22.26 17.28 35.77
CA LYS A 321 -22.47 16.68 37.09
C LYS A 321 -21.90 15.28 37.20
N ASN A 322 -22.11 14.45 36.19
CA ASN A 322 -21.64 13.08 36.24
C ASN A 322 -20.31 12.84 35.54
N LYS A 323 -19.81 13.86 34.85
CA LYS A 323 -18.54 13.76 34.14
C LYS A 323 -18.48 12.56 33.20
N ASN A 324 -19.60 12.22 32.58
CA ASN A 324 -19.62 11.09 31.64
C ASN A 324 -20.11 11.56 30.27
N PHE A 325 -19.96 10.68 29.28
CA PHE A 325 -20.35 10.99 27.90
C PHE A 325 -21.43 10.04 27.41
N THR A 326 -22.44 10.58 26.73
CA THR A 326 -23.52 9.76 26.21
C THR A 326 -23.61 9.92 24.69
N TYR A 327 -23.36 8.83 23.98
CA TYR A 327 -23.42 8.84 22.52
C TYR A 327 -24.72 8.24 22.05
N GLN A 328 -25.39 8.92 21.12
CA GLN A 328 -26.65 8.45 20.56
C GLN A 328 -26.71 8.87 19.10
N SER A 329 -26.83 7.90 18.20
CA SER A 329 -26.89 8.19 16.77
C SER A 329 -28.25 8.77 16.41
N GLN A 330 -28.30 9.48 15.29
CA GLN A 330 -29.54 10.09 14.83
C GLN A 330 -29.54 10.06 13.30
N LYS A 331 -30.63 9.60 12.71
CA LYS A 331 -30.75 9.54 11.26
C LYS A 331 -31.08 10.94 10.72
N LEU A 332 -30.30 11.42 9.77
CA LEU A 332 -30.54 12.75 9.18
C LEU A 332 -31.88 12.73 8.44
N ASP A 333 -32.75 13.68 8.73
CA ASP A 333 -34.04 13.71 8.06
C ASP A 333 -33.96 14.56 6.81
N MET A 334 -33.61 13.93 5.68
CA MET A 334 -33.49 14.62 4.41
C MET A 334 -34.86 15.05 3.89
N GLU A 335 -35.87 14.20 4.07
CA GLU A 335 -37.21 14.55 3.60
C GLU A 335 -37.73 15.84 4.23
N ALA A 336 -37.51 16.00 5.52
CA ALA A 336 -37.95 17.20 6.23
C ALA A 336 -37.22 18.43 5.71
N TRP A 337 -35.92 18.29 5.49
CA TRP A 337 -35.11 19.40 5.00
C TRP A 337 -35.54 19.78 3.58
N ALA A 338 -35.75 18.76 2.75
CA ALA A 338 -36.16 18.97 1.37
C ALA A 338 -37.47 19.75 1.30
N LYS A 339 -38.45 19.31 2.09
CA LYS A 339 -39.76 19.98 2.11
C LYS A 339 -39.65 21.43 2.59
N ALA A 340 -38.79 21.68 3.58
CA ALA A 340 -38.62 23.03 4.10
C ALA A 340 -37.92 23.93 3.09
N GLN A 341 -37.18 23.30 2.17
CA GLN A 341 -36.47 24.03 1.13
C GLN A 341 -37.39 24.27 -0.06
N GLY A 342 -38.55 23.64 -0.04
CA GLY A 342 -39.50 23.79 -1.13
C GLY A 342 -38.95 23.11 -2.37
N SER A 343 -38.15 22.06 -2.15
CA SER A 343 -37.55 21.32 -3.26
C SER A 343 -38.58 20.62 -4.13
N THR A 344 -38.29 20.52 -5.43
CA THR A 344 -39.18 19.85 -6.37
C THR A 344 -38.54 18.55 -6.84
N ASP A 345 -37.41 18.19 -6.24
CA ASP A 345 -36.70 16.97 -6.59
C ASP A 345 -37.36 15.80 -5.85
N GLU A 346 -37.98 14.90 -6.61
CA GLU A 346 -38.65 13.75 -6.01
C GLU A 346 -37.72 12.84 -5.20
N ASN A 347 -36.47 12.74 -5.62
CA ASN A 347 -35.52 11.90 -4.91
C ASN A 347 -35.25 12.41 -3.49
N LEU A 348 -35.34 13.73 -3.31
CA LEU A 348 -35.13 14.33 -2.01
C LEU A 348 -36.41 14.34 -1.19
N LEU A 349 -37.53 14.63 -1.84
CA LEU A 349 -38.82 14.65 -1.15
C LEU A 349 -39.15 13.24 -0.67
N ASN A 350 -38.66 12.24 -1.39
CA ASN A 350 -38.90 10.84 -1.07
C ASN A 350 -37.57 10.16 -0.75
N PHE A 351 -36.64 10.92 -0.17
CA PHE A 351 -35.32 10.41 0.14
C PHE A 351 -35.24 9.07 0.85
N ASP A 352 -36.09 8.82 1.84
CA ASP A 352 -36.01 7.54 2.54
C ASP A 352 -36.12 6.36 1.60
N GLN A 353 -37.12 6.39 0.73
CA GLN A 353 -37.33 5.31 -0.23
C GLN A 353 -36.21 5.31 -1.26
N PHE A 354 -35.88 6.49 -1.77
CA PHE A 354 -34.83 6.62 -2.76
C PHE A 354 -33.50 6.07 -2.27
N ASP A 355 -33.10 6.51 -1.08
CA ASP A 355 -31.83 6.08 -0.49
C ASP A 355 -31.87 4.58 -0.16
N TYR A 356 -32.98 4.12 0.41
CA TYR A 356 -33.11 2.71 0.74
C TYR A 356 -32.87 1.87 -0.52
N GLU A 357 -33.57 2.22 -1.60
CA GLU A 357 -33.44 1.49 -2.86
C GLU A 357 -32.03 1.61 -3.42
N THR A 358 -31.49 2.82 -3.39
CA THR A 358 -30.15 3.05 -3.91
C THR A 358 -29.13 2.12 -3.24
N PHE A 359 -29.14 2.08 -1.91
CA PHE A 359 -28.17 1.27 -1.21
C PHE A 359 -28.45 -0.23 -1.26
N TYR A 360 -29.72 -0.61 -1.27
CA TYR A 360 -30.08 -2.02 -1.36
C TYR A 360 -29.55 -2.58 -2.68
N ASN A 361 -29.82 -1.86 -3.77
CA ASN A 361 -29.37 -2.29 -5.09
C ASN A 361 -27.86 -2.38 -5.21
N SER A 362 -27.15 -1.48 -4.53
CA SER A 362 -25.70 -1.49 -4.59
C SER A 362 -25.14 -2.81 -4.10
N GLY A 363 -25.69 -3.34 -3.02
CA GLY A 363 -25.21 -4.62 -2.49
C GLY A 363 -25.80 -5.78 -3.28
N TYR A 364 -27.01 -5.60 -3.78
CA TYR A 364 -27.66 -6.63 -4.57
C TYR A 364 -26.83 -6.88 -5.82
N ASP A 365 -26.56 -5.81 -6.58
CA ASP A 365 -25.79 -5.93 -7.80
C ASP A 365 -24.39 -6.45 -7.53
N LYS A 366 -23.83 -6.06 -6.38
CA LYS A 366 -22.49 -6.49 -5.99
C LYS A 366 -22.46 -8.02 -5.95
N ALA A 367 -23.45 -8.59 -5.25
CA ALA A 367 -23.55 -10.03 -5.11
C ALA A 367 -23.90 -10.71 -6.43
N MET A 368 -24.91 -10.19 -7.12
CA MET A 368 -25.35 -10.76 -8.38
C MET A 368 -24.21 -10.85 -9.38
N MET A 369 -23.33 -9.86 -9.40
CA MET A 369 -22.21 -9.87 -10.33
C MET A 369 -21.33 -11.09 -10.07
N ASP A 370 -21.03 -11.32 -8.80
CA ASP A 370 -20.20 -12.46 -8.41
C ASP A 370 -20.93 -13.76 -8.72
N LEU A 371 -22.19 -13.83 -8.34
CA LEU A 371 -23.01 -15.01 -8.57
C LEU A 371 -23.09 -15.36 -10.05
N MET A 372 -22.99 -14.34 -10.90
CA MET A 372 -23.06 -14.54 -12.34
C MET A 372 -21.69 -14.66 -13.00
N THR A 373 -20.63 -14.59 -12.20
CA THR A 373 -19.28 -14.69 -12.76
C THR A 373 -18.51 -15.93 -12.30
N ASP A 374 -18.50 -16.17 -11.00
CA ASP A 374 -17.77 -17.32 -10.46
C ASP A 374 -18.39 -18.62 -10.96
N GLU A 375 -17.58 -19.46 -11.58
CA GLU A 375 -18.03 -20.74 -12.11
C GLU A 375 -18.43 -21.73 -11.03
N SER A 376 -18.27 -21.33 -9.77
CA SER A 376 -18.63 -22.20 -8.66
C SER A 376 -20.08 -21.98 -8.22
N TYR A 377 -20.74 -21.01 -8.85
CA TYR A 377 -22.12 -20.69 -8.52
C TYR A 377 -23.13 -21.02 -9.61
N ASP A 378 -22.65 -21.43 -10.78
CA ASP A 378 -23.56 -21.75 -11.88
C ASP A 378 -24.44 -22.97 -11.60
N LYS A 379 -24.22 -23.62 -10.46
CA LYS A 379 -25.03 -24.78 -10.11
C LYS A 379 -26.30 -24.30 -9.40
N TYR A 380 -26.38 -22.99 -9.21
CA TYR A 380 -27.53 -22.37 -8.56
C TYR A 380 -28.45 -21.81 -9.65
N ASN A 381 -29.76 -22.02 -9.50
CA ASN A 381 -30.70 -21.51 -10.49
C ASN A 381 -30.94 -20.02 -10.25
N GLN A 382 -31.35 -19.32 -11.30
CA GLN A 382 -31.60 -17.89 -11.25
C GLN A 382 -32.35 -17.43 -10.02
N ALA A 383 -33.49 -18.06 -9.73
CA ALA A 383 -34.30 -17.70 -8.57
C ALA A 383 -33.47 -17.74 -7.28
N ASP A 384 -32.58 -18.72 -7.15
CA ASP A 384 -31.76 -18.82 -5.96
C ASP A 384 -30.72 -17.70 -5.92
N LYS A 385 -30.10 -17.41 -7.06
CA LYS A 385 -29.10 -16.35 -7.12
C LYS A 385 -29.75 -15.03 -6.73
N GLU A 386 -31.03 -14.90 -7.05
CA GLU A 386 -31.77 -13.69 -6.71
C GLU A 386 -32.01 -13.62 -5.20
N LYS A 387 -32.28 -14.77 -4.60
CA LYS A 387 -32.51 -14.85 -3.15
C LYS A 387 -31.23 -14.51 -2.41
N MET A 388 -30.11 -14.95 -2.99
CA MET A 388 -28.81 -14.72 -2.40
C MET A 388 -28.40 -13.24 -2.53
N ALA A 389 -28.69 -12.65 -3.68
CA ALA A 389 -28.37 -11.24 -3.91
C ALA A 389 -29.20 -10.40 -2.94
N ASP A 390 -30.45 -10.82 -2.75
CA ASP A 390 -31.34 -10.11 -1.84
C ASP A 390 -30.81 -10.13 -0.42
N THR A 391 -30.32 -11.30 0.01
CA THR A 391 -29.80 -11.43 1.37
C THR A 391 -28.59 -10.52 1.57
N MET A 392 -27.76 -10.41 0.55
CA MET A 392 -26.59 -9.55 0.62
C MET A 392 -27.03 -8.10 0.74
N GLY A 393 -27.93 -7.68 -0.14
CA GLY A 393 -28.42 -6.32 -0.13
C GLY A 393 -29.04 -5.94 1.22
N LEU A 394 -29.76 -6.88 1.82
CA LEU A 394 -30.40 -6.63 3.11
C LEU A 394 -29.39 -6.61 4.26
N ASN A 395 -28.63 -7.69 4.40
CA ASN A 395 -27.63 -7.78 5.47
C ASN A 395 -26.64 -6.63 5.37
N ASN A 396 -26.19 -6.34 4.16
CA ASN A 396 -25.24 -5.26 3.95
C ASN A 396 -25.79 -3.90 4.38
N MET A 397 -26.97 -3.53 3.89
CA MET A 397 -27.51 -2.22 4.24
C MET A 397 -27.78 -2.09 5.74
N TYR A 398 -28.23 -3.17 6.38
CA TYR A 398 -28.50 -3.12 7.80
C TYR A 398 -27.20 -3.10 8.61
N PHE A 399 -26.13 -3.67 8.06
CA PHE A 399 -24.86 -3.66 8.75
C PHE A 399 -24.32 -2.23 8.74
N PHE A 400 -24.62 -1.48 7.67
CA PHE A 400 -24.17 -0.10 7.58
C PHE A 400 -24.99 0.72 8.56
N ALA A 401 -26.26 0.34 8.73
CA ALA A 401 -27.13 1.04 9.66
C ALA A 401 -26.81 0.62 11.10
N GLY A 402 -26.09 -0.50 11.25
CA GLY A 402 -25.71 -0.99 12.56
C GLY A 402 -26.83 -1.64 13.34
N THR A 403 -27.84 -2.14 12.63
CA THR A 403 -28.98 -2.77 13.28
C THR A 403 -29.22 -4.20 12.77
N ALA A 404 -30.13 -4.91 13.44
CA ALA A 404 -30.42 -6.30 13.07
C ALA A 404 -31.11 -6.42 11.72
N PRO A 405 -30.60 -7.30 10.85
CA PRO A 405 -31.19 -7.51 9.52
C PRO A 405 -32.38 -8.47 9.58
N PRO A 406 -33.37 -8.26 8.71
CA PRO A 406 -34.53 -9.14 8.70
C PRO A 406 -34.23 -10.50 8.08
N LYS A 407 -34.99 -11.51 8.47
CA LYS A 407 -34.82 -12.86 7.93
C LYS A 407 -35.04 -12.84 6.42
N SER A 408 -34.26 -13.62 5.69
CA SER A 408 -34.40 -13.70 4.24
C SER A 408 -34.14 -15.12 3.74
N ASP A 409 -34.87 -15.53 2.71
CA ASP A 409 -34.73 -16.87 2.15
C ASP A 409 -33.34 -17.17 1.62
N GLY A 410 -32.58 -16.12 1.30
CA GLY A 410 -31.25 -16.33 0.78
C GLY A 410 -30.24 -16.83 1.82
N MET A 411 -30.54 -16.64 3.09
CA MET A 411 -29.64 -17.05 4.17
C MET A 411 -29.30 -18.54 4.12
N ALA A 412 -30.31 -19.39 4.02
CA ALA A 412 -30.07 -20.83 3.97
C ALA A 412 -29.13 -21.18 2.81
N LEU A 413 -29.36 -20.55 1.66
CA LEU A 413 -28.55 -20.78 0.47
C LEU A 413 -27.08 -20.38 0.69
N TRP A 414 -26.87 -19.25 1.32
CA TRP A 414 -25.52 -18.76 1.58
C TRP A 414 -24.78 -19.69 2.53
N ASP A 415 -25.50 -20.18 3.55
CA ASP A 415 -24.90 -21.07 4.54
C ASP A 415 -24.26 -22.31 3.90
N SER A 416 -24.91 -22.86 2.89
CA SER A 416 -24.39 -24.07 2.23
C SER A 416 -23.61 -23.75 0.96
N ALA A 417 -23.53 -22.47 0.61
CA ALA A 417 -22.82 -22.04 -0.59
C ALA A 417 -21.31 -22.26 -0.44
N PRO A 418 -20.57 -22.26 -1.57
CA PRO A 418 -19.12 -22.45 -1.55
C PRO A 418 -18.37 -21.36 -0.79
N ASN A 419 -17.22 -21.72 -0.23
CA ASN A 419 -16.42 -20.77 0.53
C ASN A 419 -16.01 -19.54 -0.27
N SER A 420 -16.11 -18.38 0.37
CA SER A 420 -15.75 -17.12 -0.26
C SER A 420 -15.83 -15.97 0.75
N PHE A 421 -15.11 -14.89 0.45
CA PHE A 421 -15.10 -13.72 1.30
C PHE A 421 -16.53 -13.18 1.41
N LEU A 422 -17.20 -13.12 0.26
CA LEU A 422 -18.58 -12.65 0.21
C LEU A 422 -19.47 -13.44 1.15
N LYS A 423 -19.37 -14.77 1.09
CA LYS A 423 -20.16 -15.64 1.94
C LYS A 423 -19.87 -15.35 3.41
N ASP A 424 -18.60 -15.22 3.75
CA ASP A 424 -18.21 -14.93 5.13
C ASP A 424 -18.90 -13.66 5.60
N TYR A 425 -18.85 -12.62 4.76
CA TYR A 425 -19.46 -11.33 5.08
C TYR A 425 -20.96 -11.44 5.29
N VAL A 426 -21.65 -12.09 4.37
CA VAL A 426 -23.09 -12.25 4.46
C VAL A 426 -23.45 -12.94 5.76
N LEU A 427 -22.72 -13.99 6.10
CA LEU A 427 -22.96 -14.73 7.33
C LEU A 427 -22.64 -13.92 8.58
N SER A 428 -21.50 -13.23 8.57
CA SER A 428 -21.08 -12.43 9.73
C SER A 428 -22.04 -11.26 10.01
N SER A 429 -22.87 -10.91 9.02
CA SER A 429 -23.80 -9.80 9.19
C SER A 429 -25.25 -10.28 9.19
N SER A 430 -25.45 -11.57 9.40
CA SER A 430 -26.79 -12.14 9.41
C SER A 430 -27.38 -12.12 10.81
N ASN A 431 -26.51 -12.03 11.82
CA ASN A 431 -26.95 -12.01 13.20
C ASN A 431 -27.18 -10.60 13.74
N PRO A 432 -28.12 -10.46 14.68
CA PRO A 432 -28.42 -9.15 15.28
C PRO A 432 -27.24 -8.68 16.12
N PRO A 433 -27.06 -7.36 16.24
CA PRO A 433 -25.94 -6.85 17.04
C PRO A 433 -26.15 -7.32 18.48
N LYS A 434 -25.11 -7.86 19.09
CA LYS A 434 -25.22 -8.33 20.47
C LYS A 434 -25.21 -7.13 21.41
N LYS A 435 -24.67 -6.01 20.93
CA LYS A 435 -24.64 -4.77 21.69
C LYS A 435 -25.01 -3.64 20.73
N SER A 436 -25.65 -2.60 21.25
CA SER A 436 -26.06 -1.48 20.41
C SER A 436 -24.91 -0.81 19.68
N ASN A 437 -25.15 -0.42 18.44
CA ASN A 437 -24.16 0.27 17.63
C ASN A 437 -24.54 1.73 17.57
N ASP A 438 -25.65 2.06 18.22
CA ASP A 438 -26.20 3.43 18.22
C ASP A 438 -26.14 4.18 19.54
N TYR A 439 -25.85 3.47 20.63
CA TYR A 439 -25.86 4.10 21.94
C TYR A 439 -24.73 3.62 22.84
N TYR A 440 -24.12 4.56 23.55
CA TYR A 440 -23.02 4.25 24.46
C TYR A 440 -22.90 5.31 25.55
N VAL A 441 -22.60 4.87 26.76
CA VAL A 441 -22.41 5.78 27.88
C VAL A 441 -21.06 5.42 28.49
N SER A 442 -20.19 6.41 28.65
CA SER A 442 -18.86 6.16 29.21
C SER A 442 -19.00 5.70 30.66
N PRO A 443 -18.08 4.84 31.14
CA PRO A 443 -18.14 4.34 32.52
C PRO A 443 -17.47 5.25 33.54
N ILE B 34 35.98 6.47 -18.82
CA ILE B 34 36.50 5.71 -20.00
C ILE B 34 36.28 6.52 -21.28
N GLU B 35 37.29 7.30 -21.66
CA GLU B 35 37.21 8.13 -22.85
C GLU B 35 37.45 7.34 -24.13
N LYS B 36 38.30 6.32 -24.03
CA LYS B 36 38.61 5.48 -25.19
C LYS B 36 37.35 4.79 -25.71
N ASP B 37 37.09 4.93 -27.01
CA ASP B 37 35.94 4.29 -27.62
C ASP B 37 36.24 2.83 -27.86
N ARG B 38 36.34 2.07 -26.78
CA ARG B 38 36.63 0.65 -26.85
C ARG B 38 35.40 -0.08 -26.35
N ASN B 39 35.44 -1.41 -26.36
CA ASN B 39 34.32 -2.17 -25.86
C ASN B 39 34.24 -1.97 -24.34
N LEU B 40 33.03 -1.71 -23.86
CA LEU B 40 32.81 -1.50 -22.43
C LEU B 40 32.23 -2.78 -21.84
N SER B 41 32.84 -3.26 -20.76
CA SER B 41 32.38 -4.47 -20.09
C SER B 41 31.55 -4.06 -18.87
N MET B 42 30.38 -4.68 -18.73
CA MET B 42 29.51 -4.36 -17.61
C MET B 42 28.92 -5.61 -16.98
N VAL B 43 28.59 -5.48 -15.70
CA VAL B 43 27.95 -6.57 -14.98
C VAL B 43 26.81 -5.93 -14.19
N VAL B 44 25.64 -6.54 -14.23
CA VAL B 44 24.52 -6.02 -13.48
C VAL B 44 24.00 -7.10 -12.56
N THR B 45 23.73 -6.71 -11.33
CA THR B 45 23.16 -7.63 -10.37
C THR B 45 22.04 -6.87 -9.71
N THR B 46 21.32 -7.54 -8.83
CA THR B 46 20.19 -6.91 -8.19
C THR B 46 19.77 -7.80 -7.04
N ASP B 47 19.00 -7.23 -6.12
CA ASP B 47 18.50 -8.00 -4.99
C ASP B 47 19.55 -8.84 -4.30
N VAL B 48 20.66 -8.20 -3.95
CA VAL B 48 21.72 -8.88 -3.24
C VAL B 48 21.17 -9.24 -1.85
N HIS B 49 20.30 -8.36 -1.34
CA HIS B 49 19.69 -8.54 -0.03
C HIS B 49 20.77 -8.88 1.00
N TYR B 50 21.85 -8.10 0.97
CA TYR B 50 22.96 -8.32 1.89
C TYR B 50 22.53 -8.19 3.35
N PHE B 51 23.11 -9.04 4.19
CA PHE B 51 22.81 -9.01 5.63
C PHE B 51 24.12 -9.24 6.39
N ALA B 52 24.59 -8.21 7.09
CA ALA B 52 25.83 -8.30 7.85
C ALA B 52 25.82 -9.44 8.85
N PRO B 53 26.82 -10.33 8.78
CA PRO B 53 26.90 -11.47 9.70
C PRO B 53 26.85 -11.06 11.17
N SER B 54 27.34 -9.86 11.46
CA SER B 54 27.34 -9.37 12.84
C SER B 54 25.94 -9.13 13.37
N LEU B 55 24.95 -9.10 12.48
CA LEU B 55 23.57 -8.86 12.88
C LEU B 55 22.82 -10.14 13.22
N THR B 56 23.53 -11.26 13.26
CA THR B 56 22.89 -12.54 13.60
C THR B 56 23.84 -13.48 14.31
N ASP B 57 23.27 -14.33 15.16
CA ASP B 57 24.05 -15.30 15.91
C ASP B 57 23.72 -16.68 15.35
N ASN B 58 22.92 -16.69 14.29
CA ASN B 58 22.51 -17.93 13.64
C ASN B 58 21.70 -18.81 14.59
N GLY B 59 21.00 -18.16 15.52
CA GLY B 59 20.18 -18.88 16.49
C GLY B 59 18.81 -19.26 15.95
N LYS B 60 17.98 -19.82 16.82
CA LYS B 60 16.64 -20.26 16.47
C LYS B 60 15.83 -19.19 15.72
N ALA B 61 15.81 -17.98 16.27
CA ALA B 61 15.06 -16.89 15.64
C ALA B 61 15.49 -16.66 14.21
N PHE B 62 16.80 -16.73 13.96
CA PHE B 62 17.32 -16.53 12.62
C PHE B 62 16.93 -17.70 11.71
N GLU B 63 17.04 -18.90 12.24
CA GLU B 63 16.69 -20.10 11.48
C GLU B 63 15.24 -20.04 11.04
N LYS B 64 14.36 -19.59 11.92
CA LYS B 64 12.95 -19.47 11.59
C LYS B 64 12.78 -18.42 10.51
N TYR B 65 13.52 -17.32 10.65
CA TYR B 65 13.46 -16.22 9.71
C TYR B 65 13.90 -16.65 8.31
N VAL B 66 15.02 -17.35 8.23
CA VAL B 66 15.51 -17.80 6.93
C VAL B 66 14.52 -18.79 6.31
N ALA B 67 13.87 -19.58 7.18
CA ALA B 67 12.91 -20.57 6.73
C ALA B 67 11.70 -19.94 6.04
N ALA B 68 11.51 -18.65 6.26
CA ALA B 68 10.38 -17.93 5.66
C ALA B 68 10.85 -16.94 4.60
N GLY B 69 12.13 -17.00 4.25
CA GLY B 69 12.68 -16.10 3.26
C GLY B 69 12.48 -16.54 1.82
N ASP B 70 11.42 -17.33 1.59
CA ASP B 70 11.13 -17.83 0.25
C ASP B 70 12.32 -18.33 -0.55
N GLY B 71 13.22 -19.03 0.12
CA GLY B 71 14.37 -19.61 -0.56
C GLY B 71 15.61 -18.78 -0.79
N LYS B 72 15.63 -17.50 -0.41
CA LYS B 72 16.84 -16.73 -0.63
C LYS B 72 17.88 -17.19 0.37
N GLN B 73 19.14 -17.21 -0.06
CA GLN B 73 20.26 -17.66 0.77
C GLN B 73 20.76 -16.60 1.74
N LEU B 74 19.89 -16.19 2.66
CA LEU B 74 20.24 -15.17 3.64
C LEU B 74 21.42 -15.57 4.53
N ALA B 75 21.48 -16.85 4.87
CA ALA B 75 22.56 -17.34 5.73
C ALA B 75 23.92 -17.27 5.06
N TYR B 76 23.93 -17.07 3.74
CA TYR B 76 25.17 -16.99 2.99
C TYR B 76 25.31 -15.73 2.15
N SER B 77 24.62 -14.66 2.53
CA SER B 77 24.69 -13.42 1.75
C SER B 77 26.11 -12.87 1.70
N ASP B 78 26.91 -13.10 2.73
CA ASP B 78 28.28 -12.59 2.74
C ASP B 78 29.17 -13.33 1.74
N GLU B 79 29.13 -14.67 1.77
CA GLU B 79 29.96 -15.45 0.87
C GLU B 79 29.48 -15.34 -0.58
N ILE B 80 28.16 -15.25 -0.77
CA ILE B 80 27.63 -15.11 -2.11
C ILE B 80 28.09 -13.75 -2.67
N THR B 81 27.99 -12.71 -1.85
CA THR B 81 28.40 -11.38 -2.28
C THR B 81 29.90 -11.33 -2.57
N ASP B 82 30.70 -11.91 -1.69
CA ASP B 82 32.14 -11.94 -1.90
C ASP B 82 32.51 -12.72 -3.15
N ALA B 83 31.82 -13.84 -3.37
CA ALA B 83 32.10 -14.67 -4.54
C ALA B 83 31.75 -13.92 -5.82
N PHE B 84 30.66 -13.16 -5.76
CA PHE B 84 30.22 -12.37 -6.90
C PHE B 84 31.26 -11.30 -7.22
N LEU B 85 31.65 -10.55 -6.19
CA LEU B 85 32.62 -9.48 -6.35
C LEU B 85 33.96 -10.02 -6.86
N ALA B 86 34.30 -11.24 -6.48
CA ALA B 86 35.55 -11.87 -6.92
C ALA B 86 35.48 -12.11 -8.42
N ASP B 87 34.28 -12.41 -8.90
CA ASP B 87 34.05 -12.65 -10.32
C ASP B 87 34.21 -11.32 -11.07
N VAL B 88 33.62 -10.27 -10.52
CA VAL B 88 33.69 -8.95 -11.12
C VAL B 88 35.15 -8.51 -11.19
N GLU B 89 35.92 -8.88 -10.17
CA GLU B 89 37.34 -8.52 -10.11
C GLU B 89 38.15 -9.24 -11.19
N SER B 90 37.95 -10.54 -11.30
CA SER B 90 38.69 -11.33 -12.29
C SER B 90 38.39 -10.90 -13.72
N LYS B 91 37.15 -10.45 -13.96
CA LYS B 91 36.75 -10.02 -15.29
C LYS B 91 37.32 -8.66 -15.65
N LYS B 92 37.74 -7.89 -14.64
CA LYS B 92 38.24 -6.53 -14.85
C LYS B 92 37.09 -5.68 -15.43
N THR B 93 35.90 -5.96 -14.91
CA THR B 93 34.66 -5.26 -15.29
C THR B 93 34.80 -3.74 -15.22
N ASP B 94 34.42 -3.06 -16.29
CA ASP B 94 34.51 -1.60 -16.31
C ASP B 94 33.43 -0.98 -15.42
N VAL B 95 32.22 -1.54 -15.47
CA VAL B 95 31.08 -1.01 -14.73
C VAL B 95 30.24 -2.06 -14.02
N LEU B 96 29.98 -1.84 -12.74
CA LEU B 96 29.16 -2.75 -11.96
C LEU B 96 27.89 -1.97 -11.61
N ILE B 97 26.74 -2.59 -11.87
CA ILE B 97 25.44 -1.98 -11.59
C ILE B 97 24.63 -2.85 -10.64
N ILE B 98 24.02 -2.22 -9.64
CA ILE B 98 23.18 -2.97 -8.69
C ILE B 98 21.84 -2.27 -8.67
N SER B 99 20.82 -2.92 -9.23
CA SER B 99 19.49 -2.31 -9.32
C SER B 99 18.54 -2.44 -8.14
N GLY B 100 18.97 -2.03 -6.96
CA GLY B 100 18.08 -2.07 -5.81
C GLY B 100 18.07 -3.32 -4.92
N ASP B 101 17.50 -3.14 -3.73
CA ASP B 101 17.43 -4.18 -2.72
C ASP B 101 18.83 -4.69 -2.43
N LEU B 102 19.70 -3.78 -2.03
CA LEU B 102 21.08 -4.12 -1.71
C LEU B 102 21.14 -4.85 -0.38
N THR B 103 20.19 -4.55 0.49
CA THR B 103 20.14 -5.16 1.82
C THR B 103 18.89 -5.99 2.09
N ASN B 104 18.98 -6.85 3.09
CA ASN B 104 17.87 -7.72 3.50
C ASN B 104 16.67 -6.86 3.90
N ASN B 105 16.88 -6.00 4.89
CA ASN B 105 15.81 -5.11 5.35
C ASN B 105 16.31 -3.75 5.80
N GLY B 106 17.17 -3.16 4.98
CA GLY B 106 17.69 -1.84 5.24
C GLY B 106 18.45 -1.59 6.53
N GLU B 107 19.12 -2.61 7.05
CA GLU B 107 19.88 -2.42 8.28
C GLU B 107 21.08 -1.53 7.99
N LYS B 108 21.28 -0.51 8.83
CA LYS B 108 22.39 0.42 8.66
C LYS B 108 23.73 -0.32 8.59
N THR B 109 23.92 -1.29 9.49
CA THR B 109 25.16 -2.06 9.52
C THR B 109 25.37 -2.82 8.21
N SER B 110 24.30 -3.36 7.66
CA SER B 110 24.39 -4.09 6.39
C SER B 110 24.84 -3.14 5.29
N HIS B 111 24.24 -1.95 5.25
CA HIS B 111 24.60 -0.96 4.24
C HIS B 111 26.07 -0.56 4.33
N GLU B 112 26.53 -0.27 5.55
CA GLU B 112 27.92 0.12 5.77
C GLU B 112 28.89 -0.97 5.34
N GLU B 113 28.59 -2.22 5.68
CA GLU B 113 29.45 -3.34 5.33
C GLU B 113 29.47 -3.58 3.82
N LEU B 114 28.32 -3.48 3.18
CA LEU B 114 28.28 -3.67 1.74
C LEU B 114 29.08 -2.57 1.08
N ALA B 115 28.92 -1.35 1.58
CA ALA B 115 29.63 -0.21 1.05
C ALA B 115 31.15 -0.44 1.15
N LYS B 116 31.59 -1.06 2.23
CA LYS B 116 33.03 -1.33 2.41
C LYS B 116 33.52 -2.26 1.31
N LYS B 117 32.72 -3.27 0.97
CA LYS B 117 33.09 -4.19 -0.10
C LYS B 117 33.16 -3.47 -1.44
N LEU B 118 32.19 -2.60 -1.69
CA LEU B 118 32.15 -1.87 -2.95
C LEU B 118 33.32 -0.91 -3.08
N THR B 119 33.79 -0.38 -1.96
CA THR B 119 34.91 0.55 -1.98
C THR B 119 36.16 -0.21 -2.44
N GLN B 120 36.28 -1.47 -2.03
CA GLN B 120 37.41 -2.30 -2.43
C GLN B 120 37.31 -2.60 -3.92
N VAL B 121 36.09 -2.87 -4.39
CA VAL B 121 35.88 -3.17 -5.79
C VAL B 121 36.40 -2.03 -6.65
N GLU B 122 36.11 -0.80 -6.25
CA GLU B 122 36.55 0.36 -7.00
C GLU B 122 38.06 0.55 -6.98
N LYS B 123 38.71 -0.02 -5.97
CA LYS B 123 40.16 0.10 -5.87
C LYS B 123 40.84 -0.57 -7.05
N ASN B 124 40.18 -1.55 -7.65
CA ASN B 124 40.78 -2.23 -8.79
C ASN B 124 40.39 -1.65 -10.15
N GLY B 125 39.71 -0.51 -10.15
CA GLY B 125 39.34 0.11 -11.41
C GLY B 125 37.88 0.09 -11.82
N THR B 126 37.12 -0.88 -11.32
CA THR B 126 35.70 -0.97 -11.66
C THR B 126 34.91 0.19 -11.07
N GLN B 127 34.00 0.76 -11.88
CA GLN B 127 33.16 1.85 -11.41
C GLN B 127 31.84 1.22 -10.98
N VAL B 128 31.37 1.56 -9.79
CA VAL B 128 30.13 0.97 -9.27
C VAL B 128 28.99 1.98 -9.23
N PHE B 129 27.79 1.53 -9.58
CA PHE B 129 26.61 2.39 -9.57
C PHE B 129 25.44 1.65 -8.94
N VAL B 130 24.84 2.27 -7.93
CA VAL B 130 23.71 1.65 -7.23
C VAL B 130 22.51 2.58 -7.08
N VAL B 131 21.35 1.95 -6.83
CA VAL B 131 20.11 2.65 -6.57
C VAL B 131 19.40 1.78 -5.54
N PRO B 132 18.48 2.36 -4.78
CA PRO B 132 17.78 1.57 -3.76
C PRO B 132 16.62 0.74 -4.29
N GLY B 133 16.21 -0.23 -3.47
CA GLY B 133 15.08 -1.08 -3.76
C GLY B 133 14.10 -0.82 -2.63
N ASN B 134 12.94 -1.48 -2.63
CA ASN B 134 11.94 -1.27 -1.58
C ASN B 134 12.34 -1.67 -0.15
N HIS B 135 13.40 -2.45 -0.01
CA HIS B 135 13.85 -2.89 1.32
C HIS B 135 15.02 -2.08 1.91
N ASP B 136 15.55 -1.14 1.14
CA ASP B 136 16.74 -0.39 1.58
C ASP B 136 16.64 0.85 2.47
N ILE B 137 15.56 1.61 2.34
CA ILE B 137 15.46 2.86 3.09
C ILE B 137 14.26 2.98 4.03
N ASN B 138 14.47 3.62 5.18
CA ASN B 138 13.42 3.82 6.18
C ASN B 138 12.67 2.53 6.43
N ASN B 139 13.40 1.43 6.56
CA ASN B 139 12.77 0.14 6.75
C ASN B 139 12.47 -0.18 8.22
N PRO B 140 11.19 -0.17 8.59
CA PRO B 140 10.79 -0.45 9.97
C PRO B 140 10.98 -1.92 10.33
N TRP B 141 11.29 -2.74 9.33
CA TRP B 141 11.51 -4.17 9.57
C TRP B 141 12.98 -4.52 9.83
N ALA B 142 13.83 -3.51 9.94
CA ALA B 142 15.25 -3.74 10.20
C ALA B 142 15.40 -4.45 11.54
N ARG B 143 16.03 -5.63 11.52
CA ARG B 143 16.20 -6.41 12.75
C ARG B 143 17.54 -7.12 12.81
N LYS B 144 17.95 -7.46 14.04
CA LYS B 144 19.16 -8.23 14.27
C LYS B 144 18.62 -9.45 15.02
N PHE B 145 19.37 -10.54 15.02
CA PHE B 145 18.90 -11.76 15.67
C PHE B 145 19.78 -12.27 16.81
N GLU B 146 19.16 -12.56 17.95
CA GLU B 146 19.87 -13.07 19.12
C GLU B 146 19.05 -14.19 19.76
N LYS B 147 19.55 -15.41 19.65
CA LYS B 147 18.88 -16.58 20.20
C LYS B 147 17.49 -16.74 19.60
N ASP B 148 16.46 -16.79 20.45
CA ASP B 148 15.09 -16.94 19.97
C ASP B 148 14.39 -15.59 19.90
N LYS B 149 15.15 -14.52 19.82
CA LYS B 149 14.58 -13.17 19.79
C LYS B 149 15.03 -12.31 18.60
N GLN B 150 14.08 -11.54 18.05
CA GLN B 150 14.40 -10.62 16.96
C GLN B 150 14.51 -9.27 17.66
N LEU B 151 15.62 -8.57 17.44
CA LEU B 151 15.83 -7.28 18.10
C LEU B 151 15.94 -6.15 17.09
N PRO B 152 15.59 -4.94 17.52
CA PRO B 152 15.68 -3.78 16.63
C PRO B 152 17.11 -3.44 16.31
N THR B 153 17.32 -2.87 15.12
CA THR B 153 18.63 -2.42 14.69
C THR B 153 18.35 -1.22 13.80
N ASP B 154 19.28 -0.29 13.75
CA ASP B 154 19.09 0.91 12.94
C ASP B 154 18.91 0.66 11.45
N THR B 155 18.12 1.52 10.82
CA THR B 155 17.91 1.47 9.38
C THR B 155 18.53 2.78 8.90
N ILE B 156 18.21 3.22 7.69
CA ILE B 156 18.80 4.47 7.19
C ILE B 156 17.79 5.37 6.53
N SER B 157 18.17 6.64 6.37
CA SER B 157 17.31 7.63 5.74
C SER B 157 17.75 7.75 4.28
N PRO B 158 17.00 8.50 3.47
CA PRO B 158 17.34 8.68 2.06
C PRO B 158 18.70 9.35 1.90
N THR B 159 18.92 10.46 2.61
CA THR B 159 20.20 11.15 2.52
C THR B 159 21.32 10.23 3.00
N ASP B 160 21.01 9.35 3.95
CA ASP B 160 22.01 8.40 4.44
C ASP B 160 22.46 7.50 3.29
N PHE B 161 21.49 7.08 2.47
CA PHE B 161 21.80 6.20 1.34
C PHE B 161 22.79 6.86 0.39
N SER B 162 22.53 8.12 0.02
CA SER B 162 23.41 8.83 -0.89
C SER B 162 24.77 9.14 -0.27
N LYS B 163 24.83 9.14 1.05
CA LYS B 163 26.08 9.40 1.76
C LYS B 163 26.92 8.13 1.80
N ILE B 164 26.33 7.06 2.34
CA ILE B 164 27.00 5.77 2.44
C ILE B 164 27.51 5.29 1.07
N TYR B 165 26.68 5.45 0.04
CA TYR B 165 27.07 5.02 -1.30
C TYR B 165 27.44 6.19 -2.19
N SER B 166 27.93 7.27 -1.58
CA SER B 166 28.31 8.45 -2.35
C SER B 166 29.33 8.17 -3.43
N ASP B 167 30.28 7.26 -3.17
CA ASP B 167 31.28 6.96 -4.18
C ASP B 167 30.70 6.10 -5.29
N PHE B 168 29.53 5.52 -5.06
CA PHE B 168 28.99 4.64 -6.07
C PHE B 168 27.87 5.21 -6.92
N GLY B 169 28.17 6.35 -7.54
CA GLY B 169 27.23 7.01 -8.42
C GLY B 169 26.78 8.41 -8.06
N TYR B 170 26.46 8.61 -6.79
CA TYR B 170 25.97 9.90 -6.33
C TYR B 170 26.92 11.09 -6.37
N GLU B 171 28.08 10.94 -5.74
CA GLU B 171 29.04 12.04 -5.70
C GLU B 171 29.39 12.62 -7.07
N ASP B 172 29.71 11.75 -8.02
CA ASP B 172 30.10 12.21 -9.36
C ASP B 172 29.01 12.25 -10.42
N ALA B 173 27.75 12.20 -10.00
CA ALA B 173 26.63 12.23 -10.95
C ALA B 173 26.63 13.51 -11.80
N ILE B 174 26.23 13.38 -13.05
CA ILE B 174 26.15 14.52 -13.96
C ILE B 174 24.91 15.34 -13.63
N SER B 175 23.87 14.64 -13.18
CA SER B 175 22.63 15.29 -12.82
C SER B 175 21.93 14.43 -11.77
N SER B 176 21.19 15.07 -10.87
CA SER B 176 20.49 14.36 -9.83
C SER B 176 19.03 14.82 -9.74
N ASP B 177 18.14 13.86 -9.56
CA ASP B 177 16.73 14.17 -9.44
C ASP B 177 16.54 14.89 -8.10
N GLU B 178 15.60 15.83 -8.07
CA GLU B 178 15.36 16.62 -6.86
C GLU B 178 14.76 15.88 -5.68
N PHE B 179 13.75 15.04 -5.91
CA PHE B 179 13.12 14.36 -4.77
C PHE B 179 13.27 12.85 -4.66
N SER B 180 14.03 12.24 -5.56
CA SER B 180 14.25 10.81 -5.49
C SER B 180 15.77 10.63 -5.50
N LEU B 181 16.23 9.40 -5.32
CA LEU B 181 17.64 9.14 -5.33
C LEU B 181 18.09 8.74 -6.72
N SER B 182 17.39 9.26 -7.73
CA SER B 182 17.72 8.98 -9.12
C SER B 182 18.83 9.92 -9.55
N TYR B 183 19.68 9.46 -10.46
CA TYR B 183 20.77 10.29 -10.96
C TYR B 183 21.27 9.82 -12.32
N LEU B 184 21.98 10.72 -13.00
CA LEU B 184 22.54 10.44 -14.31
C LEU B 184 24.04 10.31 -14.14
N ALA B 185 24.60 9.19 -14.61
CA ALA B 185 26.03 8.92 -14.51
C ALA B 185 26.67 8.70 -15.86
N ALA B 186 27.95 9.00 -15.98
CA ALA B 186 28.66 8.83 -17.24
C ALA B 186 29.96 8.06 -17.02
N PRO B 187 29.87 6.72 -16.96
CA PRO B 187 31.08 5.91 -16.76
C PRO B 187 31.99 5.95 -17.98
N SER B 188 31.42 6.32 -19.13
CA SER B 188 32.19 6.41 -20.36
C SER B 188 31.66 7.55 -21.22
N SER B 189 32.31 7.79 -22.36
CA SER B 189 31.88 8.86 -23.25
C SER B 189 30.77 8.36 -24.16
N LYS B 190 30.78 7.07 -24.46
CA LYS B 190 29.77 6.48 -25.35
C LYS B 190 28.54 5.93 -24.63
N VAL B 191 28.69 5.59 -23.35
CA VAL B 191 27.56 5.04 -22.63
C VAL B 191 27.33 5.68 -21.26
N TRP B 192 26.10 6.13 -21.04
CA TRP B 192 25.71 6.75 -19.79
C TRP B 192 24.65 5.87 -19.13
N LEU B 193 24.42 6.10 -17.83
CA LEU B 193 23.45 5.33 -17.07
C LEU B 193 22.40 6.22 -16.44
N LEU B 194 21.14 5.86 -16.65
CA LEU B 194 20.04 6.59 -16.06
C LEU B 194 19.66 5.73 -14.86
N MET B 195 20.26 6.02 -13.71
CA MET B 195 20.03 5.27 -12.49
C MET B 195 18.77 5.78 -11.79
N LEU B 196 17.71 4.99 -11.86
CA LEU B 196 16.43 5.38 -11.28
C LEU B 196 16.10 4.77 -9.93
N ASP B 197 15.56 5.62 -9.06
CA ASP B 197 15.13 5.20 -7.74
C ASP B 197 13.60 5.14 -7.85
N THR B 198 13.07 3.93 -7.96
CA THR B 198 11.63 3.74 -8.08
C THR B 198 11.02 3.33 -6.75
N ALA B 199 11.84 3.25 -5.71
CA ALA B 199 11.37 2.86 -4.40
C ALA B 199 10.48 3.93 -3.75
N ILE B 200 9.51 3.46 -2.97
CA ILE B 200 8.61 4.35 -2.24
C ILE B 200 8.92 4.07 -0.77
N TYR B 201 9.42 5.08 -0.06
CA TYR B 201 9.81 4.89 1.33
C TYR B 201 9.53 6.03 2.30
N LYS B 202 9.02 7.15 1.80
CA LYS B 202 8.78 8.27 2.69
C LYS B 202 7.69 8.08 3.74
N THR B 203 6.84 7.06 3.57
CA THR B 203 5.79 6.82 4.57
C THR B 203 5.96 5.48 5.29
N ASN B 204 7.11 4.84 5.09
CA ASN B 204 7.39 3.54 5.71
C ASN B 204 7.25 3.49 7.22
N MET B 205 7.87 4.44 7.92
CA MET B 205 7.83 4.45 9.38
C MET B 205 6.40 4.63 9.89
N GLN B 206 5.62 5.43 9.17
CA GLN B 206 4.24 5.67 9.54
C GLN B 206 3.40 4.41 9.31
N GLN B 207 3.67 3.71 8.21
CA GLN B 207 2.96 2.48 7.87
C GLN B 207 3.37 1.31 8.75
N GLY B 208 4.63 1.30 9.18
CA GLY B 208 5.12 0.20 9.99
C GLY B 208 5.64 -0.92 9.11
N ASN B 209 5.53 -0.74 7.80
CA ASN B 209 6.01 -1.73 6.83
C ASN B 209 6.65 -0.98 5.66
N PRO B 210 7.62 -1.61 4.98
CA PRO B 210 8.24 -0.90 3.84
C PRO B 210 7.35 -1.10 2.62
N THR B 211 7.04 -0.02 1.92
CA THR B 211 6.20 -0.10 0.73
C THR B 211 6.83 -0.97 -0.34
N THR B 212 6.06 -1.93 -0.85
CA THR B 212 6.53 -2.84 -1.88
C THR B 212 6.48 -2.24 -3.28
N GLU B 213 5.35 -1.61 -3.61
CA GLU B 213 5.16 -1.02 -4.92
C GLU B 213 6.14 0.12 -5.22
N GLY B 214 6.29 0.43 -6.50
CA GLY B 214 7.17 1.49 -6.91
C GLY B 214 6.44 2.50 -7.77
N GLY B 215 7.05 3.67 -7.97
CA GLY B 215 6.42 4.69 -8.78
C GLY B 215 7.33 5.87 -8.96
N LEU B 216 7.05 6.69 -9.96
CA LEU B 216 7.83 7.87 -10.24
C LEU B 216 6.88 9.04 -10.39
N THR B 217 7.22 10.17 -9.78
CA THR B 217 6.38 11.36 -9.87
C THR B 217 6.55 12.00 -11.23
N ALA B 218 5.68 12.97 -11.53
CA ALA B 218 5.74 13.68 -12.79
C ALA B 218 7.06 14.45 -12.83
N GLY B 219 7.44 14.98 -11.68
CA GLY B 219 8.69 15.73 -11.58
C GLY B 219 9.87 14.87 -11.98
N THR B 220 9.93 13.64 -11.47
CA THR B 220 11.04 12.76 -11.82
C THR B 220 10.98 12.42 -13.31
N LEU B 221 9.78 12.23 -13.84
CA LEU B 221 9.62 11.91 -15.26
C LEU B 221 10.14 13.06 -16.12
N ASP B 222 9.92 14.29 -15.67
CA ASP B 222 10.40 15.45 -16.41
C ASP B 222 11.92 15.46 -16.38
N TRP B 223 12.48 15.08 -15.22
CA TRP B 223 13.92 15.04 -15.05
C TRP B 223 14.49 13.96 -15.95
N ILE B 224 13.72 12.90 -16.16
CA ILE B 224 14.16 11.81 -17.03
C ILE B 224 14.23 12.30 -18.47
N LYS B 225 13.23 13.06 -18.90
CA LYS B 225 13.20 13.59 -20.26
C LYS B 225 14.38 14.54 -20.47
N GLU B 226 14.68 15.34 -19.45
CA GLU B 226 15.79 16.29 -19.52
C GLU B 226 17.13 15.54 -19.60
N SER B 227 17.30 14.52 -18.77
CA SER B 227 18.52 13.74 -18.77
C SER B 227 18.69 13.03 -20.10
N SER B 228 17.59 12.56 -20.66
CA SER B 228 17.61 11.87 -21.95
C SER B 228 18.10 12.84 -23.02
N ALA B 229 17.61 14.08 -22.94
CA ALA B 229 18.00 15.12 -23.89
C ALA B 229 19.48 15.43 -23.79
N LEU B 230 20.01 15.43 -22.57
CA LEU B 230 21.42 15.72 -22.35
C LEU B 230 22.29 14.64 -22.97
N ALA B 231 21.92 13.38 -22.76
CA ALA B 231 22.67 12.26 -23.31
C ALA B 231 22.66 12.33 -24.83
N LYS B 232 21.51 12.63 -25.41
CA LYS B 232 21.39 12.71 -26.86
C LYS B 232 22.30 13.81 -27.41
N LYS B 233 22.33 14.94 -26.70
CA LYS B 233 23.14 16.06 -27.11
C LYS B 233 24.63 15.73 -27.08
N ASN B 234 25.04 14.92 -26.11
CA ASN B 234 26.44 14.53 -25.97
C ASN B 234 26.77 13.28 -26.77
N GLY B 235 25.81 12.80 -27.55
CA GLY B 235 26.03 11.61 -28.37
C GLY B 235 26.30 10.36 -27.56
N ALA B 236 25.69 10.26 -26.38
CA ALA B 236 25.89 9.09 -25.54
C ALA B 236 24.67 8.18 -25.49
N LYS B 237 24.92 6.87 -25.46
CA LYS B 237 23.86 5.88 -25.37
C LYS B 237 23.41 5.96 -23.90
N LEU B 238 22.18 5.56 -23.63
CA LEU B 238 21.69 5.64 -22.25
C LEU B 238 21.05 4.34 -21.79
N ILE B 239 21.45 3.86 -20.62
CA ILE B 239 20.88 2.63 -20.09
C ILE B 239 20.08 2.95 -18.82
N PRO B 240 18.74 2.82 -18.89
CA PRO B 240 17.91 3.10 -17.72
C PRO B 240 17.93 1.88 -16.80
N VAL B 241 18.21 2.11 -15.52
CA VAL B 241 18.27 1.07 -14.50
C VAL B 241 17.24 1.40 -13.41
N LEU B 242 16.42 0.42 -13.03
CA LEU B 242 15.41 0.63 -12.00
C LEU B 242 15.11 -0.65 -11.24
N HIS B 243 14.68 -0.52 -10.00
CA HIS B 243 14.39 -1.71 -9.21
C HIS B 243 13.11 -2.38 -9.71
N HIS B 244 12.04 -1.61 -9.76
CA HIS B 244 10.74 -2.11 -10.22
C HIS B 244 10.74 -2.33 -11.75
N ASN B 245 9.86 -3.20 -12.20
CA ASN B 245 9.79 -3.52 -13.62
C ASN B 245 9.01 -2.55 -14.49
N LEU B 246 9.43 -2.47 -15.75
CA LEU B 246 8.80 -1.59 -16.73
C LEU B 246 7.52 -2.21 -17.30
N THR B 247 7.45 -3.54 -17.29
CA THR B 247 6.28 -4.23 -17.80
C THR B 247 6.16 -5.56 -17.06
N ASP B 248 5.02 -6.24 -17.19
CA ASP B 248 4.83 -7.52 -16.50
C ASP B 248 5.75 -8.62 -17.00
N HIS B 249 6.21 -9.48 -16.09
CA HIS B 249 7.10 -10.57 -16.46
C HIS B 249 6.48 -11.94 -16.24
N ASN B 250 5.23 -11.96 -15.80
CA ASN B 250 4.51 -13.20 -15.59
C ASN B 250 3.01 -13.00 -15.75
N ASP B 251 2.35 -14.00 -16.32
CA ASP B 251 0.91 -13.96 -16.56
C ASP B 251 0.07 -13.69 -15.31
N VAL B 252 0.53 -14.19 -14.16
CA VAL B 252 -0.20 -14.00 -12.92
C VAL B 252 0.15 -12.67 -12.25
N GLN B 254 1.14 -10.65 -9.84
CA GLN B 254 0.98 -9.98 -8.55
C GLN B 254 1.29 -8.50 -8.70
N LYS B 255 0.50 -7.66 -8.05
CA LYS B 255 0.68 -6.22 -8.11
C LYS B 255 1.84 -5.78 -7.21
N GLY B 256 2.42 -4.62 -7.52
CA GLY B 256 3.51 -4.12 -6.72
C GLY B 256 4.91 -4.42 -7.24
N TYR B 257 5.00 -5.16 -8.33
CA TYR B 257 6.30 -5.50 -8.91
C TYR B 257 6.55 -4.71 -10.18
N THR B 258 5.57 -4.69 -11.08
CA THR B 258 5.68 -3.87 -12.27
C THR B 258 5.44 -2.48 -11.66
N ILE B 259 6.25 -1.50 -12.04
CA ILE B 259 6.08 -0.17 -11.48
C ILE B 259 4.66 0.36 -11.70
N ASN B 260 4.15 1.15 -10.77
CA ASN B 260 2.81 1.72 -10.91
C ASN B 260 2.77 2.64 -12.12
N TYR B 261 1.63 2.65 -12.81
CA TYR B 261 1.43 3.49 -13.99
C TYR B 261 2.67 3.42 -14.88
N ASN B 262 3.02 2.19 -15.24
CA ASN B 262 4.20 1.93 -16.05
C ASN B 262 4.16 2.47 -17.47
N GLN B 263 2.97 2.67 -18.04
CA GLN B 263 2.90 3.16 -19.41
C GLN B 263 3.57 4.52 -19.56
N GLN B 264 3.42 5.38 -18.55
CA GLN B 264 4.05 6.69 -18.62
C GLN B 264 5.58 6.55 -18.59
N VAL B 265 6.06 5.55 -17.86
CA VAL B 265 7.51 5.33 -17.76
C VAL B 265 8.02 4.77 -19.09
N ILE B 266 7.27 3.84 -19.67
CA ILE B 266 7.64 3.25 -20.95
C ILE B 266 7.69 4.36 -22.00
N ASP B 267 6.66 5.19 -22.03
CA ASP B 267 6.62 6.28 -23.01
C ASP B 267 7.81 7.22 -22.86
N ALA B 268 8.15 7.56 -21.62
CA ALA B 268 9.28 8.44 -21.37
C ALA B 268 10.60 7.81 -21.79
N LEU B 269 10.78 6.52 -21.50
CA LEU B 269 12.03 5.86 -21.85
C LEU B 269 12.20 5.63 -23.35
N THR B 270 11.13 5.30 -24.05
CA THR B 270 11.22 5.09 -25.49
C THR B 270 11.41 6.44 -26.20
N GLU B 271 10.84 7.50 -25.62
CA GLU B 271 10.97 8.84 -26.19
C GLU B 271 12.44 9.23 -26.14
N GLY B 272 13.14 8.71 -25.12
CA GLY B 272 14.56 8.99 -24.97
C GLY B 272 15.42 8.06 -25.81
N ALA B 273 14.78 7.25 -26.65
CA ALA B 273 15.48 6.32 -27.52
C ALA B 273 16.26 5.22 -26.81
N MET B 274 15.71 4.69 -25.73
CA MET B 274 16.38 3.63 -25.00
C MET B 274 15.75 2.30 -25.40
N ASP B 275 16.57 1.42 -25.97
CA ASP B 275 16.10 0.11 -26.46
C ASP B 275 15.84 -0.92 -25.39
N PHE B 276 16.48 -0.76 -24.24
CA PHE B 276 16.30 -1.74 -23.17
C PHE B 276 16.52 -1.13 -21.81
N SER B 277 15.95 -1.78 -20.80
CA SER B 277 16.08 -1.34 -19.43
C SER B 277 16.58 -2.52 -18.60
N LEU B 278 17.15 -2.21 -17.45
CA LEU B 278 17.67 -3.22 -16.53
C LEU B 278 16.90 -3.06 -15.22
N SER B 279 16.21 -4.11 -14.79
CA SER B 279 15.45 -4.05 -13.55
C SER B 279 15.55 -5.35 -12.77
N GLY B 280 14.98 -5.37 -11.57
CA GLY B 280 15.01 -6.56 -10.74
C GLY B 280 13.68 -6.68 -10.02
N HIS B 281 13.73 -6.68 -8.69
CA HIS B 281 12.55 -6.72 -7.83
C HIS B 281 11.74 -8.03 -7.84
N ILE B 282 11.44 -8.55 -9.02
CA ILE B 282 10.66 -9.78 -9.10
C ILE B 282 11.53 -11.03 -8.87
N HIS B 283 12.85 -10.85 -8.86
CA HIS B 283 13.83 -11.92 -8.61
C HIS B 283 14.03 -13.00 -9.68
N THR B 284 13.14 -13.07 -10.66
CA THR B 284 13.25 -14.08 -11.71
C THR B 284 14.01 -13.63 -12.95
N GLN B 285 14.92 -14.49 -13.43
CA GLN B 285 15.68 -14.21 -14.65
C GLN B 285 14.57 -14.20 -15.71
N ASN B 286 14.27 -13.03 -16.25
CA ASN B 286 13.17 -12.93 -17.19
C ASN B 286 13.27 -11.70 -18.07
N ILE B 287 13.16 -11.89 -19.38
CA ILE B 287 13.22 -10.79 -20.34
C ILE B 287 11.88 -10.67 -21.07
N ARG B 288 11.30 -9.47 -21.08
CA ARG B 288 10.03 -9.24 -21.77
C ARG B 288 10.09 -7.86 -22.41
N SER B 289 9.40 -7.68 -23.53
CA SER B 289 9.40 -6.39 -24.19
C SER B 289 8.04 -5.73 -24.03
N ALA B 290 8.02 -4.41 -24.07
CA ALA B 290 6.79 -3.65 -23.94
C ALA B 290 6.84 -2.55 -24.98
N LYS B 291 5.68 -2.02 -25.35
CA LYS B 291 5.65 -0.95 -26.34
C LYS B 291 5.01 0.32 -25.83
N SER B 292 5.47 1.44 -26.39
CA SER B 292 4.95 2.74 -25.99
C SER B 292 3.60 3.00 -26.66
N THR B 293 2.98 4.10 -26.27
CA THR B 293 1.70 4.51 -26.81
C THR B 293 1.81 4.65 -28.32
N ASP B 294 2.96 5.12 -28.79
CA ASP B 294 3.16 5.28 -30.24
C ASP B 294 3.86 4.12 -30.93
N GLY B 295 3.90 2.96 -30.27
CA GLY B 295 4.49 1.78 -30.87
C GLY B 295 5.98 1.51 -30.78
N LYS B 296 6.73 2.32 -30.05
CA LYS B 296 8.17 2.08 -29.91
C LYS B 296 8.37 0.97 -28.89
N GLU B 297 9.33 0.09 -29.16
CA GLU B 297 9.58 -1.03 -28.28
C GLU B 297 10.80 -0.87 -27.37
N ILE B 298 10.69 -1.37 -26.15
CA ILE B 298 11.80 -1.34 -25.20
C ILE B 298 11.80 -2.69 -24.50
N THR B 299 12.97 -3.28 -24.36
CA THR B 299 13.10 -4.60 -23.72
C THR B 299 13.53 -4.47 -22.27
N ASP B 300 12.69 -4.96 -21.36
CA ASP B 300 12.94 -4.93 -19.92
C ASP B 300 13.63 -6.24 -19.52
N ILE B 301 14.90 -6.13 -19.16
CA ILE B 301 15.70 -7.28 -18.77
C ILE B 301 15.80 -7.41 -17.26
N VAL B 302 15.17 -8.44 -16.72
CA VAL B 302 15.22 -8.67 -15.28
C VAL B 302 16.25 -9.73 -14.97
N THR B 303 17.29 -9.34 -14.25
CA THR B 303 18.34 -10.27 -13.86
C THR B 303 17.93 -10.96 -12.56
N ASN B 304 18.21 -12.25 -12.48
CA ASN B 304 17.92 -13.09 -11.32
C ASN B 304 18.44 -12.41 -10.05
N ALA B 305 17.74 -12.55 -8.93
CA ALA B 305 18.21 -11.95 -7.70
C ALA B 305 19.51 -12.68 -7.35
N LEU B 306 20.54 -11.95 -6.95
CA LEU B 306 21.81 -12.58 -6.62
C LEU B 306 21.64 -13.52 -5.43
N SER B 307 20.70 -13.20 -4.56
CA SER B 307 20.44 -13.98 -3.35
C SER B 307 19.59 -15.23 -3.56
N VAL B 308 19.11 -15.46 -4.77
CA VAL B 308 18.26 -16.63 -4.98
C VAL B 308 18.65 -17.51 -6.16
N PHE B 309 18.25 -18.77 -6.09
CA PHE B 309 18.51 -19.76 -7.13
C PHE B 309 18.09 -19.21 -8.50
N PRO B 310 18.89 -19.46 -9.54
CA PRO B 310 20.14 -20.22 -9.55
C PRO B 310 21.35 -19.31 -9.32
N HIS B 311 21.08 -18.08 -8.90
CA HIS B 311 22.12 -17.09 -8.63
C HIS B 311 22.90 -16.66 -9.86
N LYS B 312 22.19 -16.21 -10.87
CA LYS B 312 22.80 -15.71 -12.09
C LYS B 312 22.93 -14.21 -11.95
N TYR B 313 23.87 -13.64 -12.70
CA TYR B 313 24.02 -12.20 -12.75
C TYR B 313 24.11 -11.91 -14.24
N GLY B 314 24.11 -10.65 -14.62
CA GLY B 314 24.16 -10.36 -16.04
C GLY B 314 25.41 -9.67 -16.55
N ASN B 315 25.85 -10.10 -17.72
CA ASN B 315 27.00 -9.53 -18.40
C ASN B 315 26.45 -8.64 -19.50
N ILE B 316 26.96 -7.42 -19.62
CA ILE B 316 26.52 -6.52 -20.67
C ILE B 316 27.77 -5.98 -21.34
N THR B 317 27.90 -6.29 -22.63
CA THR B 317 29.06 -5.84 -23.39
C THR B 317 28.64 -4.82 -24.45
N TYR B 318 29.26 -3.65 -24.42
CA TYR B 318 28.97 -2.63 -25.42
C TYR B 318 30.04 -2.77 -26.50
N SER B 319 29.62 -2.98 -27.75
CA SER B 319 30.56 -3.12 -28.85
C SER B 319 30.77 -1.76 -29.50
N ALA B 320 32.00 -1.26 -29.42
CA ALA B 320 32.33 0.04 -30.00
C ALA B 320 32.15 0.03 -31.51
N LYS B 321 32.51 -1.09 -32.14
CA LYS B 321 32.40 -1.22 -33.59
C LYS B 321 30.98 -1.43 -34.07
N ASN B 322 30.22 -2.27 -33.38
CA ASN B 322 28.85 -2.53 -33.77
C ASN B 322 27.85 -1.59 -33.10
N LYS B 323 28.34 -0.80 -32.16
CA LYS B 323 27.51 0.16 -31.43
C LYS B 323 26.26 -0.49 -30.84
N ASN B 324 26.40 -1.71 -30.33
CA ASN B 324 25.26 -2.38 -29.73
C ASN B 324 25.60 -2.97 -28.37
N PHE B 325 24.57 -3.43 -27.69
CA PHE B 325 24.71 -4.02 -26.37
C PHE B 325 24.31 -5.48 -26.40
N THR B 326 25.13 -6.32 -25.78
CA THR B 326 24.83 -7.74 -25.72
C THR B 326 24.72 -8.11 -24.25
N TYR B 327 23.56 -8.68 -23.89
CA TYR B 327 23.32 -9.10 -22.52
C TYR B 327 23.42 -10.62 -22.48
N GLN B 328 24.22 -11.13 -21.54
CA GLN B 328 24.39 -12.57 -21.39
C GLN B 328 24.47 -12.86 -19.89
N SER B 329 23.55 -13.70 -19.40
CA SER B 329 23.54 -14.05 -17.99
C SER B 329 24.63 -15.08 -17.73
N GLN B 330 24.99 -15.23 -16.46
CA GLN B 330 26.02 -16.18 -16.05
C GLN B 330 25.73 -16.63 -14.63
N LYS B 331 25.75 -17.95 -14.41
CA LYS B 331 25.49 -18.50 -13.09
C LYS B 331 26.76 -18.35 -12.25
N LEU B 332 26.61 -17.83 -11.03
CA LEU B 332 27.73 -17.66 -10.12
C LEU B 332 28.22 -19.03 -9.65
N ASP B 333 29.50 -19.32 -9.83
CA ASP B 333 30.05 -20.61 -9.42
C ASP B 333 30.49 -20.57 -7.96
N MET B 334 29.55 -20.79 -7.04
CA MET B 334 29.86 -20.77 -5.62
C MET B 334 30.78 -21.91 -5.21
N GLU B 335 30.59 -23.08 -5.81
CA GLU B 335 31.43 -24.23 -5.49
C GLU B 335 32.90 -23.93 -5.77
N ALA B 336 33.18 -23.36 -6.93
CA ALA B 336 34.56 -23.04 -7.29
C ALA B 336 35.16 -22.04 -6.30
N TRP B 337 34.39 -21.03 -5.95
CA TRP B 337 34.85 -20.01 -5.01
C TRP B 337 35.10 -20.61 -3.64
N ALA B 338 34.17 -21.43 -3.18
CA ALA B 338 34.26 -22.06 -1.87
C ALA B 338 35.51 -22.94 -1.74
N LYS B 339 35.76 -23.78 -2.73
CA LYS B 339 36.92 -24.66 -2.69
C LYS B 339 38.21 -23.84 -2.68
N ALA B 340 38.26 -22.80 -3.50
CA ALA B 340 39.43 -21.94 -3.58
C ALA B 340 39.70 -21.24 -2.25
N GLN B 341 38.64 -20.97 -1.49
CA GLN B 341 38.77 -20.32 -0.20
C GLN B 341 39.15 -21.31 0.89
N GLY B 342 39.14 -22.59 0.53
CA GLY B 342 39.48 -23.61 1.51
C GLY B 342 38.36 -23.77 2.51
N SER B 343 37.14 -23.53 2.05
CA SER B 343 35.97 -23.66 2.92
C SER B 343 35.78 -25.10 3.36
N THR B 344 35.23 -25.28 4.56
CA THR B 344 34.97 -26.61 5.08
C THR B 344 33.46 -26.79 5.22
N ASP B 345 32.72 -25.76 4.82
CA ASP B 345 31.26 -25.78 4.88
C ASP B 345 30.72 -26.66 3.75
N GLU B 346 30.13 -27.79 4.12
CA GLU B 346 29.59 -28.72 3.15
C GLU B 346 28.49 -28.11 2.26
N ASN B 347 27.78 -27.12 2.77
CA ASN B 347 26.71 -26.48 1.98
C ASN B 347 27.30 -25.63 0.87
N LEU B 348 28.48 -25.08 1.12
CA LEU B 348 29.17 -24.24 0.15
C LEU B 348 29.94 -25.09 -0.85
N LEU B 349 30.60 -26.14 -0.36
CA LEU B 349 31.38 -27.02 -1.23
C LEU B 349 30.44 -27.76 -2.19
N ASN B 350 29.21 -27.98 -1.77
CA ASN B 350 28.23 -28.67 -2.61
C ASN B 350 27.02 -27.75 -2.83
N PHE B 351 27.32 -26.47 -2.99
CA PHE B 351 26.29 -25.44 -3.18
C PHE B 351 25.24 -25.71 -4.27
N ASP B 352 25.66 -26.25 -5.40
CA ASP B 352 24.70 -26.53 -6.47
C ASP B 352 23.59 -27.43 -5.95
N GLN B 353 23.97 -28.48 -5.25
CA GLN B 353 23.02 -29.43 -4.67
C GLN B 353 22.23 -28.75 -3.55
N PHE B 354 22.96 -28.10 -2.65
CA PHE B 354 22.36 -27.42 -1.52
C PHE B 354 21.34 -26.38 -1.95
N ASP B 355 21.74 -25.51 -2.88
CA ASP B 355 20.86 -24.46 -3.36
C ASP B 355 19.64 -25.00 -4.10
N TYR B 356 19.86 -26.02 -4.93
CA TYR B 356 18.78 -26.63 -5.69
C TYR B 356 17.70 -27.16 -4.75
N GLU B 357 18.12 -27.95 -3.77
CA GLU B 357 17.18 -28.52 -2.79
C GLU B 357 16.50 -27.44 -1.97
N THR B 358 17.26 -26.43 -1.56
CA THR B 358 16.70 -25.34 -0.77
C THR B 358 15.55 -24.65 -1.50
N PHE B 359 15.76 -24.30 -2.76
CA PHE B 359 14.73 -23.60 -3.52
C PHE B 359 13.60 -24.53 -3.95
N TYR B 360 13.93 -25.76 -4.31
CA TYR B 360 12.91 -26.70 -4.70
C TYR B 360 11.95 -26.87 -3.53
N ASN B 361 12.50 -27.14 -2.35
CA ASN B 361 11.69 -27.33 -1.16
C ASN B 361 10.83 -26.11 -0.82
N SER B 362 11.35 -24.91 -1.07
CA SER B 362 10.62 -23.69 -0.78
C SER B 362 9.29 -23.65 -1.53
N GLY B 363 9.33 -23.89 -2.84
CA GLY B 363 8.10 -23.87 -3.63
C GLY B 363 7.27 -25.11 -3.34
N TYR B 364 7.94 -26.25 -3.16
CA TYR B 364 7.21 -27.48 -2.86
C TYR B 364 6.36 -27.25 -1.62
N ASP B 365 7.00 -26.75 -0.55
CA ASP B 365 6.30 -26.50 0.70
C ASP B 365 5.20 -25.46 0.59
N LYS B 366 5.46 -24.39 -0.15
CA LYS B 366 4.46 -23.35 -0.31
C LYS B 366 3.28 -23.89 -1.10
N ALA B 367 3.55 -24.82 -2.02
CA ALA B 367 2.50 -25.41 -2.83
C ALA B 367 1.65 -26.32 -1.94
N MET B 368 2.30 -27.15 -1.14
CA MET B 368 1.59 -28.05 -0.24
C MET B 368 0.67 -27.30 0.71
N MET B 369 1.18 -26.22 1.28
CA MET B 369 0.41 -25.41 2.22
C MET B 369 -0.88 -24.90 1.58
N ASP B 370 -0.79 -24.46 0.33
CA ASP B 370 -1.98 -23.95 -0.35
C ASP B 370 -2.89 -25.11 -0.75
N LEU B 371 -2.29 -26.26 -1.06
CA LEU B 371 -3.05 -27.44 -1.43
C LEU B 371 -3.78 -27.99 -0.21
N MET B 372 -3.28 -27.65 0.98
CA MET B 372 -3.88 -28.11 2.21
C MET B 372 -4.86 -27.08 2.78
N THR B 373 -4.75 -25.85 2.30
CA THR B 373 -5.64 -24.79 2.77
C THR B 373 -6.92 -24.72 1.96
N ASP B 374 -6.78 -24.81 0.63
CA ASP B 374 -7.92 -24.76 -0.26
C ASP B 374 -8.72 -26.06 -0.18
N GLU B 375 -9.92 -25.99 0.38
CA GLU B 375 -10.74 -27.19 0.52
C GLU B 375 -11.28 -27.69 -0.82
N SER B 376 -11.03 -26.94 -1.89
CA SER B 376 -11.49 -27.36 -3.21
C SER B 376 -10.50 -28.39 -3.74
N TYR B 377 -9.46 -28.64 -2.96
CA TYR B 377 -8.45 -29.62 -3.32
C TYR B 377 -8.49 -30.83 -2.40
N ASP B 378 -9.47 -30.84 -1.49
CA ASP B 378 -9.60 -31.95 -0.55
C ASP B 378 -9.87 -33.25 -1.31
N LYS B 379 -10.39 -33.12 -2.54
CA LYS B 379 -10.70 -34.28 -3.36
C LYS B 379 -9.45 -35.03 -3.79
N TYR B 380 -8.29 -34.39 -3.69
CA TYR B 380 -7.04 -35.02 -4.08
C TYR B 380 -6.41 -35.79 -2.93
N ASN B 381 -5.95 -37.01 -3.21
CA ASN B 381 -5.33 -37.82 -2.18
C ASN B 381 -3.88 -37.36 -1.96
N GLN B 382 -3.24 -37.88 -0.92
CA GLN B 382 -1.88 -37.51 -0.58
C GLN B 382 -0.90 -37.57 -1.76
N ALA B 383 -0.89 -38.70 -2.46
CA ALA B 383 0.00 -38.89 -3.59
C ALA B 383 -0.13 -37.79 -4.66
N ASP B 384 -1.36 -37.50 -5.06
CA ASP B 384 -1.58 -36.48 -6.07
C ASP B 384 -1.15 -35.10 -5.60
N LYS B 385 -1.41 -34.79 -4.34
CA LYS B 385 -1.00 -33.49 -3.82
C LYS B 385 0.51 -33.35 -3.84
N GLU B 386 1.21 -34.44 -3.57
CA GLU B 386 2.68 -34.41 -3.57
C GLU B 386 3.16 -34.20 -5.00
N LYS B 387 2.54 -34.87 -5.95
CA LYS B 387 2.91 -34.72 -7.35
C LYS B 387 2.68 -33.28 -7.80
N MET B 388 1.58 -32.70 -7.34
CA MET B 388 1.25 -31.32 -7.71
C MET B 388 2.23 -30.34 -7.07
N ALA B 389 2.63 -30.62 -5.83
CA ALA B 389 3.58 -29.75 -5.14
C ALA B 389 4.94 -29.91 -5.82
N ASP B 390 5.23 -31.11 -6.30
CA ASP B 390 6.50 -31.37 -6.98
C ASP B 390 6.56 -30.54 -8.26
N THR B 391 5.46 -30.51 -9.00
CA THR B 391 5.39 -29.76 -10.24
C THR B 391 5.59 -28.27 -9.98
N MET B 392 4.98 -27.76 -8.92
CA MET B 392 5.11 -26.35 -8.57
C MET B 392 6.56 -26.03 -8.24
N GLY B 393 7.17 -26.85 -7.40
CA GLY B 393 8.55 -26.63 -7.02
C GLY B 393 9.47 -26.63 -8.23
N LEU B 394 9.22 -27.52 -9.19
CA LEU B 394 10.05 -27.60 -10.40
C LEU B 394 9.81 -26.43 -11.34
N ASN B 395 8.55 -26.17 -11.68
CA ASN B 395 8.19 -25.08 -12.57
C ASN B 395 8.66 -23.76 -11.99
N ASN B 396 8.46 -23.59 -10.69
CA ASN B 396 8.86 -22.36 -10.02
C ASN B 396 10.36 -22.09 -10.05
N MET B 397 11.18 -23.11 -9.79
CA MET B 397 12.62 -22.88 -9.78
C MET B 397 13.16 -22.63 -11.18
N TYR B 398 12.61 -23.31 -12.18
CA TYR B 398 13.05 -23.11 -13.55
C TYR B 398 12.54 -21.77 -14.07
N PHE B 399 11.46 -21.27 -13.49
CA PHE B 399 10.95 -19.97 -13.92
C PHE B 399 11.90 -18.92 -13.33
N PHE B 400 12.43 -19.19 -12.14
CA PHE B 400 13.37 -18.25 -11.53
C PHE B 400 14.68 -18.25 -12.32
N ALA B 401 15.03 -19.40 -12.87
CA ALA B 401 16.24 -19.54 -13.66
C ALA B 401 16.00 -18.99 -15.07
N GLY B 402 14.73 -18.89 -15.44
CA GLY B 402 14.37 -18.38 -16.76
C GLY B 402 14.49 -19.40 -17.88
N THR B 403 14.54 -20.68 -17.52
CA THR B 403 14.67 -21.72 -18.54
C THR B 403 13.50 -22.70 -18.55
N ALA B 404 13.50 -23.59 -19.55
CA ALA B 404 12.43 -24.58 -19.70
C ALA B 404 12.44 -25.60 -18.56
N PRO B 405 11.26 -25.83 -17.95
CA PRO B 405 11.16 -26.80 -16.86
C PRO B 405 11.03 -28.22 -17.38
N PRO B 406 11.43 -29.22 -16.59
CA PRO B 406 11.32 -30.62 -17.02
C PRO B 406 9.88 -31.10 -16.87
N LYS B 407 9.56 -32.21 -17.53
CA LYS B 407 8.23 -32.76 -17.46
C LYS B 407 8.06 -33.41 -16.08
N SER B 408 6.84 -33.35 -15.55
CA SER B 408 6.56 -33.92 -14.23
C SER B 408 5.12 -34.44 -14.19
N ASP B 409 4.92 -35.57 -13.52
CA ASP B 409 3.61 -36.19 -13.42
C ASP B 409 2.52 -35.26 -12.90
N GLY B 410 2.90 -34.27 -12.10
CA GLY B 410 1.92 -33.36 -11.55
C GLY B 410 1.31 -32.42 -12.58
N MET B 411 1.96 -32.26 -13.72
CA MET B 411 1.45 -31.36 -14.76
C MET B 411 0.06 -31.76 -15.24
N ALA B 412 -0.15 -33.06 -15.42
CA ALA B 412 -1.45 -33.56 -15.86
C ALA B 412 -2.51 -33.23 -14.82
N LEU B 413 -2.16 -33.45 -13.54
CA LEU B 413 -3.09 -33.17 -12.45
C LEU B 413 -3.49 -31.70 -12.43
N TRP B 414 -2.51 -30.82 -12.49
CA TRP B 414 -2.78 -29.39 -12.50
C TRP B 414 -3.70 -28.97 -13.65
N ASP B 415 -3.54 -29.62 -14.79
CA ASP B 415 -4.37 -29.32 -15.96
C ASP B 415 -5.86 -29.41 -15.66
N SER B 416 -6.26 -30.42 -14.90
CA SER B 416 -7.67 -30.62 -14.57
C SER B 416 -8.03 -30.13 -13.17
N ALA B 417 -7.04 -29.57 -12.47
CA ALA B 417 -7.25 -29.07 -11.12
C ALA B 417 -8.25 -27.93 -11.05
N PRO B 418 -8.91 -27.75 -9.88
CA PRO B 418 -9.89 -26.69 -9.69
C PRO B 418 -9.24 -25.32 -9.91
N ASN B 419 -10.05 -24.34 -10.33
CA ASN B 419 -9.56 -23.00 -10.58
C ASN B 419 -8.86 -22.38 -9.38
N SER B 420 -7.72 -21.74 -9.62
CA SER B 420 -6.95 -21.10 -8.55
C SER B 420 -5.79 -20.30 -9.12
N PHE B 421 -5.28 -19.36 -8.33
CA PHE B 421 -4.16 -18.53 -8.75
C PHE B 421 -2.93 -19.40 -8.92
N LEU B 422 -2.74 -20.34 -7.99
CA LEU B 422 -1.59 -21.23 -8.04
C LEU B 422 -1.61 -22.02 -9.35
N LYS B 423 -2.79 -22.54 -9.69
CA LYS B 423 -2.95 -23.31 -10.93
C LYS B 423 -2.55 -22.47 -12.13
N ASP B 424 -3.01 -21.22 -12.19
CA ASP B 424 -2.67 -20.36 -13.31
C ASP B 424 -1.16 -20.20 -13.42
N TYR B 425 -0.51 -20.01 -12.28
CA TYR B 425 0.94 -19.85 -12.24
C TYR B 425 1.64 -21.11 -12.75
N VAL B 426 1.26 -22.26 -12.21
CA VAL B 426 1.87 -23.52 -12.62
C VAL B 426 1.78 -23.67 -14.13
N LEU B 427 0.58 -23.51 -14.67
CA LEU B 427 0.38 -23.63 -16.11
C LEU B 427 1.17 -22.59 -16.89
N SER B 428 1.24 -21.37 -16.38
CA SER B 428 1.97 -20.31 -17.08
C SER B 428 3.47 -20.61 -17.20
N SER B 429 4.01 -21.38 -16.23
CA SER B 429 5.43 -21.72 -16.24
C SER B 429 5.70 -23.18 -16.58
N SER B 430 4.74 -23.84 -17.22
CA SER B 430 4.89 -25.25 -17.58
C SER B 430 5.56 -25.47 -18.93
N ASN B 431 5.63 -24.43 -19.75
CA ASN B 431 6.23 -24.58 -21.07
C ASN B 431 7.55 -23.81 -21.24
N PRO B 432 8.35 -24.19 -22.24
CA PRO B 432 9.63 -23.53 -22.51
C PRO B 432 9.42 -22.05 -22.84
N PRO B 433 10.36 -21.19 -22.45
CA PRO B 433 10.23 -19.76 -22.74
C PRO B 433 10.15 -19.57 -24.26
N LYS B 434 9.27 -18.68 -24.71
CA LYS B 434 9.13 -18.44 -26.14
C LYS B 434 10.41 -17.84 -26.70
N LYS B 435 11.11 -17.08 -25.87
CA LYS B 435 12.37 -16.46 -26.27
C LYS B 435 13.30 -16.53 -25.06
N SER B 436 14.60 -16.47 -25.30
CA SER B 436 15.59 -16.55 -24.23
C SER B 436 15.43 -15.47 -23.16
N ASN B 437 15.67 -15.86 -21.91
CA ASN B 437 15.61 -14.94 -20.78
C ASN B 437 17.04 -14.66 -20.33
N ASP B 438 18.00 -15.28 -21.02
CA ASP B 438 19.41 -15.15 -20.70
C ASP B 438 20.25 -14.37 -21.70
N TYR B 439 19.72 -14.16 -22.90
CA TYR B 439 20.49 -13.50 -23.95
C TYR B 439 19.69 -12.44 -24.69
N TYR B 440 20.34 -11.32 -25.00
CA TYR B 440 19.70 -10.23 -25.71
C TYR B 440 20.75 -9.33 -26.38
N VAL B 441 20.44 -8.89 -27.60
CA VAL B 441 21.34 -7.98 -28.32
C VAL B 441 20.48 -6.83 -28.79
N SER B 442 20.89 -5.60 -28.48
CA SER B 442 20.13 -4.42 -28.85
C SER B 442 20.05 -4.27 -30.37
N PRO B 443 18.95 -3.67 -30.87
CA PRO B 443 18.74 -3.45 -32.30
C PRO B 443 19.49 -2.23 -32.82
MN MN C . -14.56 7.32 3.40
FE FE D . -11.52 6.62 4.46
CA CA E . -12.98 28.03 15.33
P PO4 F . -12.76 5.07 1.74
O1 PO4 F . -11.61 5.55 2.55
O2 PO4 F . -13.83 6.11 1.72
O3 PO4 F . -12.30 4.80 0.35
O4 PO4 F . -13.30 3.82 2.33
MN MN G . 14.13 -8.14 -3.57
FE FE H . 12.26 -5.56 -4.24
CA CA I . 33.11 5.73 -8.10
P PO4 J . 10.99 -8.06 -2.37
O1 PO4 J . 10.99 -6.63 -2.72
O2 PO4 J . 10.23 -8.26 -1.12
O3 PO4 J . 10.35 -8.83 -3.47
O4 PO4 J . 12.39 -8.54 -2.19
#